data_2MX7
#
_entry.id   2MX7
#
_entity_poly.entity_id   1
_entity_poly.type   'polypeptide(L)'
_entity_poly.pdbx_seq_one_letter_code
;SMFPSQDPAQPRMPPWIYNESLVPDAYKKILETTMTPTGIDTAKLYPILMSSGLPRETLGQIWALANRTTPGKLTKEELY
TVLAMIAVTQRGVPAMSPDALNQFPAAPIPTL
;
_entity_poly.pdbx_strand_id   A
#
# COMPACT_ATOMS: atom_id res chain seq x y z
N SER A 1 19.34 4.91 2.66
CA SER A 1 18.07 5.47 3.19
C SER A 1 18.00 5.25 4.70
N MET A 2 17.91 3.99 5.12
CA MET A 2 17.86 3.64 6.53
C MET A 2 18.76 2.44 6.81
N PHE A 3 19.60 2.57 7.82
CA PHE A 3 20.51 1.51 8.24
C PHE A 3 19.99 0.87 9.54
N PRO A 4 20.47 -0.32 9.93
CA PRO A 4 19.92 -1.06 11.05
C PRO A 4 20.61 -0.73 12.37
N SER A 5 19.81 -0.40 13.35
CA SER A 5 20.31 -0.09 14.68
C SER A 5 19.43 -0.77 15.73
N GLN A 6 20.06 -1.41 16.70
CA GLN A 6 19.33 -2.12 17.74
C GLN A 6 18.69 -1.15 18.72
N ASP A 7 17.56 -0.58 18.32
CA ASP A 7 16.75 0.22 19.21
C ASP A 7 15.56 -0.60 19.67
N PRO A 8 15.42 -0.83 20.98
CA PRO A 8 14.41 -1.73 21.54
C PRO A 8 13.01 -1.09 21.60
N ALA A 9 12.72 -0.20 20.65
CA ALA A 9 11.43 0.45 20.58
C ALA A 9 11.12 0.86 19.15
N GLN A 10 12.13 1.38 18.47
CA GLN A 10 12.00 1.83 17.08
C GLN A 10 11.69 0.66 16.15
N PRO A 11 10.66 0.83 15.29
CA PRO A 11 10.32 -0.14 14.25
C PRO A 11 11.36 -0.16 13.14
N ARG A 12 11.55 -1.31 12.53
CA ARG A 12 12.55 -1.44 11.47
C ARG A 12 11.86 -1.79 10.16
N MET A 13 10.70 -1.21 9.98
CA MET A 13 9.89 -1.48 8.79
C MET A 13 10.31 -0.60 7.62
N PRO A 14 9.83 -0.90 6.39
CA PRO A 14 10.18 -0.14 5.17
C PRO A 14 10.07 1.37 5.35
N PRO A 15 11.19 2.07 5.08
CA PRO A 15 11.33 3.53 5.19
C PRO A 15 10.17 4.32 4.59
N TRP A 16 9.76 3.91 3.41
CA TRP A 16 8.78 4.66 2.62
C TRP A 16 7.37 4.54 3.19
N ILE A 17 7.12 3.59 4.07
CA ILE A 17 5.78 3.42 4.61
C ILE A 17 5.49 4.49 5.66
N TYR A 18 6.44 4.71 6.55
CA TYR A 18 6.23 5.63 7.65
C TYR A 18 6.75 7.03 7.36
N ASN A 19 7.22 7.27 6.14
CA ASN A 19 7.60 8.62 5.73
C ASN A 19 6.35 9.50 5.60
N GLU A 20 6.04 10.21 6.67
CA GLU A 20 4.89 11.11 6.68
C GLU A 20 5.26 12.48 6.12
N SER A 21 6.52 12.62 5.72
CA SER A 21 7.05 13.91 5.26
C SER A 21 6.35 14.35 3.98
N LEU A 22 6.00 13.40 3.12
CA LEU A 22 5.32 13.72 1.88
C LEU A 22 4.32 12.63 1.54
N VAL A 23 3.17 13.02 1.02
CA VAL A 23 2.17 12.07 0.59
C VAL A 23 2.33 11.81 -0.91
N PRO A 24 2.27 10.53 -1.32
CA PRO A 24 2.50 10.14 -2.71
C PRO A 24 1.36 10.51 -3.64
N ASP A 25 1.74 10.75 -4.90
CA ASP A 25 0.78 11.02 -5.98
C ASP A 25 -0.17 9.85 -6.15
N ALA A 26 0.32 8.66 -5.81
CA ALA A 26 -0.49 7.46 -5.87
C ALA A 26 -1.67 7.53 -4.89
N TYR A 27 -1.46 8.26 -3.80
CA TYR A 27 -2.50 8.40 -2.78
C TYR A 27 -3.54 9.42 -3.23
N LYS A 28 -3.11 10.63 -3.56
CA LYS A 28 -4.02 11.63 -4.12
C LYS A 28 -4.72 11.11 -5.39
N LYS A 29 -4.01 10.29 -6.18
CA LYS A 29 -4.62 9.61 -7.31
C LYS A 29 -5.76 8.76 -6.82
N ILE A 30 -5.47 7.97 -5.81
CA ILE A 30 -6.45 7.06 -5.28
C ILE A 30 -7.69 7.79 -4.79
N LEU A 31 -7.52 9.04 -4.31
CA LEU A 31 -8.67 9.90 -3.98
C LEU A 31 -9.60 10.04 -5.17
N GLU A 32 -9.04 10.42 -6.31
CA GLU A 32 -9.76 10.51 -7.54
C GLU A 32 -10.32 9.15 -7.96
N THR A 33 -9.49 8.15 -7.79
CA THR A 33 -9.80 6.77 -8.15
C THR A 33 -10.95 6.17 -7.32
N THR A 34 -10.66 5.81 -6.08
CA THR A 34 -11.59 5.05 -5.25
C THR A 34 -11.84 5.68 -3.88
N MET A 35 -11.01 6.61 -3.46
CA MET A 35 -11.13 7.16 -2.12
C MET A 35 -12.19 8.24 -2.07
N THR A 36 -12.59 8.58 -0.86
CA THR A 36 -13.62 9.59 -0.65
C THR A 36 -13.10 10.70 0.24
N PRO A 37 -13.85 11.81 0.36
CA PRO A 37 -13.49 12.88 1.31
C PRO A 37 -13.48 12.38 2.74
N THR A 38 -14.11 11.23 2.96
CA THR A 38 -14.19 10.64 4.28
C THR A 38 -13.11 9.59 4.49
N GLY A 39 -12.27 9.39 3.48
CA GLY A 39 -11.12 8.53 3.65
C GLY A 39 -11.12 7.34 2.73
N ILE A 40 -10.47 6.28 3.19
CA ILE A 40 -10.24 5.08 2.38
C ILE A 40 -11.55 4.36 2.06
N ASP A 41 -11.68 3.93 0.80
CA ASP A 41 -12.86 3.20 0.36
C ASP A 41 -12.46 2.10 -0.61
N THR A 42 -12.28 0.90 -0.11
CA THR A 42 -11.91 -0.26 -0.93
C THR A 42 -13.02 -0.63 -1.92
N ALA A 43 -14.24 -0.14 -1.68
CA ALA A 43 -15.41 -0.54 -2.46
C ALA A 43 -15.20 -0.34 -3.96
N LYS A 44 -14.62 0.78 -4.34
CA LYS A 44 -14.35 1.06 -5.77
C LYS A 44 -13.02 0.43 -6.18
N LEU A 45 -12.16 0.22 -5.19
CA LEU A 45 -10.82 -0.29 -5.42
C LEU A 45 -10.89 -1.67 -6.07
N TYR A 46 -11.90 -2.47 -5.71
CA TYR A 46 -12.05 -3.81 -6.26
C TYR A 46 -12.21 -3.78 -7.79
N PRO A 47 -13.31 -3.19 -8.33
CA PRO A 47 -13.58 -3.26 -9.77
C PRO A 47 -12.50 -2.62 -10.60
N ILE A 48 -11.97 -1.48 -10.15
CA ILE A 48 -10.97 -0.79 -10.94
C ILE A 48 -9.70 -1.64 -11.05
N LEU A 49 -9.13 -2.00 -9.92
CA LEU A 49 -7.97 -2.89 -9.90
C LEU A 49 -8.21 -4.26 -10.52
N MET A 50 -9.38 -4.84 -10.33
CA MET A 50 -9.64 -6.12 -10.97
C MET A 50 -9.72 -5.94 -12.48
N SER A 51 -10.10 -4.74 -12.90
CA SER A 51 -10.08 -4.39 -14.31
C SER A 51 -8.64 -4.11 -14.75
N SER A 52 -7.78 -3.73 -13.80
CA SER A 52 -6.36 -3.56 -14.07
C SER A 52 -5.69 -4.93 -14.29
N GLY A 53 -6.47 -5.99 -14.10
CA GLY A 53 -5.95 -7.33 -14.27
C GLY A 53 -5.48 -7.93 -12.96
N LEU A 54 -6.02 -7.44 -11.85
CA LEU A 54 -5.64 -7.93 -10.54
C LEU A 54 -6.80 -8.68 -9.89
N PRO A 55 -6.50 -9.67 -9.02
CA PRO A 55 -7.50 -10.54 -8.42
C PRO A 55 -8.25 -9.84 -7.31
N ARG A 56 -9.58 -9.92 -7.32
CA ARG A 56 -10.37 -9.36 -6.23
C ARG A 56 -10.02 -10.07 -4.92
N GLU A 57 -9.38 -11.23 -5.03
CA GLU A 57 -8.87 -11.94 -3.87
C GLU A 57 -7.67 -11.23 -3.30
N THR A 58 -6.63 -11.06 -4.11
CA THR A 58 -5.44 -10.37 -3.68
C THR A 58 -5.72 -8.93 -3.29
N LEU A 59 -6.59 -8.27 -4.05
CA LEU A 59 -6.97 -6.89 -3.74
C LEU A 59 -7.52 -6.76 -2.31
N GLY A 60 -8.43 -7.65 -1.92
CA GLY A 60 -8.94 -7.64 -0.55
C GLY A 60 -7.85 -7.94 0.47
N GLN A 61 -6.93 -8.83 0.10
CA GLN A 61 -5.86 -9.22 0.99
C GLN A 61 -4.96 -8.03 1.21
N ILE A 62 -4.62 -7.37 0.12
CA ILE A 62 -3.76 -6.19 0.14
C ILE A 62 -4.31 -5.08 1.04
N TRP A 63 -5.63 -4.89 1.09
CA TRP A 63 -6.19 -3.89 2.01
C TRP A 63 -5.98 -4.34 3.45
N ALA A 64 -5.99 -5.65 3.61
CA ALA A 64 -6.03 -6.26 4.92
C ALA A 64 -4.64 -6.47 5.51
N LEU A 65 -3.61 -6.47 4.66
CA LEU A 65 -2.24 -6.70 5.10
C LEU A 65 -1.54 -5.42 5.57
N ALA A 66 -2.29 -4.51 6.16
CA ALA A 66 -1.72 -3.30 6.71
C ALA A 66 -0.93 -3.60 7.99
N ASN A 67 0.36 -3.89 7.83
CA ASN A 67 1.24 -4.28 8.95
C ASN A 67 0.58 -5.39 9.77
N ARG A 68 -0.02 -5.03 10.91
CA ARG A 68 -0.87 -5.95 11.64
C ARG A 68 -2.08 -5.21 12.18
N THR A 69 -2.83 -4.62 11.26
CA THR A 69 -4.09 -3.99 11.59
C THR A 69 -5.11 -4.26 10.49
N THR A 70 -5.43 -5.54 10.34
CA THR A 70 -6.33 -6.01 9.30
C THR A 70 -7.74 -5.39 9.43
N PRO A 71 -8.39 -5.49 10.61
CA PRO A 71 -9.71 -4.89 10.82
C PRO A 71 -9.62 -3.41 11.19
N GLY A 72 -8.47 -2.80 10.93
CA GLY A 72 -8.27 -1.41 11.26
C GLY A 72 -8.53 -0.52 10.07
N LYS A 73 -8.92 0.72 10.34
CA LYS A 73 -9.13 1.69 9.28
C LYS A 73 -7.77 2.12 8.72
N LEU A 74 -7.61 1.93 7.43
CA LEU A 74 -6.34 2.20 6.76
C LEU A 74 -5.93 3.66 6.91
N THR A 75 -4.83 3.89 7.59
CA THR A 75 -4.29 5.22 7.69
C THR A 75 -3.39 5.49 6.48
N LYS A 76 -2.98 6.73 6.29
CA LYS A 76 -2.20 7.12 5.11
C LYS A 76 -0.97 6.19 4.91
N GLU A 77 -0.19 5.96 5.97
CA GLU A 77 0.98 5.07 5.88
C GLU A 77 0.56 3.65 5.50
N GLU A 78 -0.54 3.18 6.06
CA GLU A 78 -1.06 1.86 5.72
C GLU A 78 -1.52 1.83 4.27
N LEU A 79 -1.94 2.99 3.78
CA LEU A 79 -2.34 3.12 2.39
C LEU A 79 -1.10 3.15 1.49
N TYR A 80 0.08 3.36 2.07
CA TYR A 80 1.29 3.18 1.29
C TYR A 80 1.58 1.70 1.15
N THR A 81 1.27 0.94 2.19
CA THR A 81 1.43 -0.51 2.19
C THR A 81 0.55 -1.14 1.09
N VAL A 82 -0.65 -0.62 0.92
CA VAL A 82 -1.57 -1.15 -0.08
C VAL A 82 -1.11 -0.76 -1.48
N LEU A 83 -0.77 0.51 -1.64
CA LEU A 83 -0.31 1.05 -2.92
C LEU A 83 0.89 0.29 -3.46
N ALA A 84 1.85 0.02 -2.59
CA ALA A 84 3.07 -0.63 -3.00
C ALA A 84 2.84 -2.08 -3.37
N MET A 85 2.00 -2.78 -2.60
CA MET A 85 1.73 -4.18 -2.87
C MET A 85 0.91 -4.33 -4.14
N ILE A 86 0.08 -3.33 -4.43
CA ILE A 86 -0.66 -3.32 -5.69
C ILE A 86 0.31 -3.15 -6.84
N ALA A 87 1.22 -2.20 -6.68
CA ALA A 87 2.23 -1.92 -7.68
C ALA A 87 3.05 -3.15 -8.01
N VAL A 88 3.56 -3.84 -6.98
CA VAL A 88 4.40 -5.00 -7.19
C VAL A 88 3.61 -6.16 -7.81
N THR A 89 2.32 -6.24 -7.46
CA THR A 89 1.45 -7.30 -7.99
C THR A 89 1.30 -7.13 -9.49
N GLN A 90 1.02 -5.91 -9.91
CA GLN A 90 0.95 -5.56 -11.33
C GLN A 90 2.24 -5.92 -12.05
N ARG A 91 3.36 -5.75 -11.37
CA ARG A 91 4.67 -6.06 -11.96
C ARG A 91 4.92 -7.57 -11.98
N GLY A 92 3.96 -8.34 -11.50
CA GLY A 92 4.06 -9.78 -11.51
C GLY A 92 4.75 -10.32 -10.27
N VAL A 93 4.94 -9.46 -9.29
CA VAL A 93 5.57 -9.84 -8.04
C VAL A 93 4.52 -9.98 -6.95
N PRO A 94 4.25 -11.22 -6.51
CA PRO A 94 3.26 -11.46 -5.46
C PRO A 94 3.77 -10.99 -4.09
N ALA A 95 2.85 -10.73 -3.18
CA ALA A 95 3.22 -10.31 -1.85
C ALA A 95 3.34 -11.53 -0.95
N MET A 96 4.57 -11.88 -0.63
CA MET A 96 4.86 -13.11 0.07
C MET A 96 5.17 -12.85 1.54
N SER A 97 5.90 -11.78 1.81
CA SER A 97 6.34 -11.47 3.15
C SER A 97 6.85 -10.03 3.22
N PRO A 98 6.96 -9.47 4.45
CA PRO A 98 7.54 -8.13 4.66
C PRO A 98 8.99 -8.06 4.16
N ASP A 99 9.64 -9.20 4.12
CA ASP A 99 11.01 -9.30 3.62
C ASP A 99 11.08 -8.84 2.17
N ALA A 100 10.02 -9.06 1.41
CA ALA A 100 10.01 -8.68 0.00
C ALA A 100 9.86 -7.16 -0.16
N LEU A 101 9.21 -6.52 0.79
CA LEU A 101 9.11 -5.05 0.79
C LEU A 101 10.45 -4.48 1.20
N ASN A 102 11.15 -5.25 2.01
CA ASN A 102 12.50 -4.92 2.45
C ASN A 102 13.48 -4.96 1.27
N GLN A 103 13.13 -5.73 0.23
CA GLN A 103 14.00 -5.90 -0.92
C GLN A 103 13.85 -4.75 -1.90
N PHE A 104 12.80 -3.97 -1.73
CA PHE A 104 12.59 -2.79 -2.57
C PHE A 104 13.11 -1.54 -1.88
N PRO A 105 14.22 -0.98 -2.38
CA PRO A 105 14.76 0.30 -1.91
C PRO A 105 13.73 1.41 -1.94
N ALA A 106 12.91 1.36 -2.97
CA ALA A 106 11.86 2.33 -3.19
C ALA A 106 10.57 1.63 -3.59
N ALA A 107 9.45 2.15 -3.13
CA ALA A 107 8.16 1.55 -3.43
C ALA A 107 7.60 2.08 -4.74
N PRO A 108 7.19 1.16 -5.63
CA PRO A 108 6.56 1.50 -6.92
C PRO A 108 5.17 2.12 -6.76
N ILE A 109 4.75 2.85 -7.79
CA ILE A 109 3.39 3.37 -7.84
C ILE A 109 2.53 2.50 -8.74
N PRO A 110 1.32 2.14 -8.26
CA PRO A 110 0.37 1.35 -9.04
C PRO A 110 -0.08 2.08 -10.30
N THR A 111 -0.09 1.38 -11.41
CA THR A 111 -0.47 1.98 -12.67
C THR A 111 -1.95 1.77 -12.96
N LEU A 112 -2.65 2.88 -13.18
CA LEU A 112 -4.09 2.89 -13.35
C LEU A 112 -4.47 4.00 -14.32
N SER A 1 8.53 9.08 20.98
CA SER A 1 7.43 8.15 20.64
C SER A 1 7.97 6.73 20.40
N MET A 2 8.96 6.59 19.53
CA MET A 2 9.48 5.28 19.19
C MET A 2 11.01 5.30 19.15
N PHE A 3 11.62 4.36 19.86
CA PHE A 3 13.06 4.24 19.90
C PHE A 3 13.54 3.31 18.78
N PRO A 4 14.78 3.49 18.32
CA PRO A 4 15.34 2.77 17.19
C PRO A 4 16.03 1.47 17.58
N SER A 5 15.59 0.39 16.99
CA SER A 5 16.15 -0.92 17.28
C SER A 5 16.16 -1.80 16.04
N GLN A 6 17.32 -2.37 15.74
CA GLN A 6 17.45 -3.33 14.67
C GLN A 6 17.10 -4.72 15.19
N ASP A 7 15.81 -4.88 15.46
CA ASP A 7 15.30 -6.06 16.15
C ASP A 7 15.26 -7.28 15.23
N PRO A 8 15.63 -8.47 15.75
CA PRO A 8 15.61 -9.71 14.98
C PRO A 8 14.24 -10.40 14.99
N ALA A 9 13.20 -9.63 15.21
CA ALA A 9 11.84 -10.14 15.19
C ALA A 9 10.88 -9.05 14.77
N GLN A 10 11.12 -7.84 15.28
CA GLN A 10 10.35 -6.68 14.90
C GLN A 10 10.90 -6.09 13.60
N PRO A 11 10.09 -6.08 12.55
CA PRO A 11 10.52 -5.61 11.23
C PRO A 11 10.67 -4.08 11.17
N ARG A 12 11.62 -3.63 10.37
CA ARG A 12 11.92 -2.22 10.23
C ARG A 12 11.11 -1.63 9.08
N MET A 13 10.18 -0.76 9.44
CA MET A 13 9.29 -0.13 8.47
C MET A 13 10.06 0.67 7.42
N PRO A 14 9.84 0.36 6.13
CA PRO A 14 10.55 1.00 5.01
C PRO A 14 10.33 2.52 4.95
N PRO A 15 11.43 3.24 4.63
CA PRO A 15 11.52 4.70 4.62
C PRO A 15 10.34 5.42 3.98
N TRP A 16 9.93 4.93 2.83
CA TRP A 16 8.89 5.55 2.03
C TRP A 16 7.49 5.42 2.65
N ILE A 17 7.32 4.48 3.58
CA ILE A 17 6.04 4.34 4.25
C ILE A 17 5.78 5.54 5.15
N TYR A 18 6.82 5.94 5.86
CA TYR A 18 6.75 7.06 6.80
C TYR A 18 7.09 8.38 6.10
N ASN A 19 6.74 8.49 4.83
CA ASN A 19 7.02 9.70 4.08
C ASN A 19 6.02 10.79 4.46
N GLU A 20 6.32 11.47 5.56
CA GLU A 20 5.45 12.53 6.08
C GLU A 20 5.70 13.85 5.36
N SER A 21 6.66 13.86 4.45
CA SER A 21 7.00 15.05 3.71
C SER A 21 5.85 15.47 2.79
N LEU A 22 5.34 14.52 2.03
CA LEU A 22 4.28 14.81 1.08
C LEU A 22 3.50 13.57 0.72
N VAL A 23 2.24 13.76 0.36
CA VAL A 23 1.40 12.68 -0.11
C VAL A 23 1.76 12.28 -1.53
N PRO A 24 2.17 11.01 -1.75
CA PRO A 24 2.58 10.51 -3.06
C PRO A 24 1.46 10.54 -4.09
N ASP A 25 1.87 10.55 -5.36
CA ASP A 25 0.96 10.54 -6.50
C ASP A 25 0.01 9.36 -6.44
N ALA A 26 0.46 8.28 -5.85
CA ALA A 26 -0.33 7.07 -5.72
C ALA A 26 -1.56 7.29 -4.83
N TYR A 27 -1.40 8.10 -3.80
CA TYR A 27 -2.47 8.32 -2.84
C TYR A 27 -3.50 9.30 -3.43
N LYS A 28 -3.05 10.48 -3.86
CA LYS A 28 -3.91 11.41 -4.59
C LYS A 28 -4.57 10.74 -5.81
N LYS A 29 -3.85 9.84 -6.48
CA LYS A 29 -4.44 9.04 -7.55
C LYS A 29 -5.63 8.27 -7.04
N ILE A 30 -5.39 7.53 -5.98
CA ILE A 30 -6.42 6.69 -5.42
C ILE A 30 -7.59 7.54 -4.92
N LEU A 31 -7.32 8.75 -4.44
CA LEU A 31 -8.40 9.69 -4.10
C LEU A 31 -9.33 9.95 -5.27
N GLU A 32 -8.77 10.29 -6.41
CA GLU A 32 -9.52 10.44 -7.62
C GLU A 32 -10.17 9.12 -8.04
N THR A 33 -9.41 8.06 -7.92
CA THR A 33 -9.82 6.71 -8.28
C THR A 33 -10.96 6.16 -7.39
N THR A 34 -10.63 5.76 -6.17
CA THR A 34 -11.56 5.03 -5.31
C THR A 34 -11.82 5.71 -3.95
N MET A 35 -10.86 6.49 -3.48
CA MET A 35 -10.94 7.06 -2.15
C MET A 35 -11.97 8.17 -2.07
N THR A 36 -12.43 8.45 -0.86
CA THR A 36 -13.41 9.51 -0.65
C THR A 36 -12.79 10.67 0.10
N PRO A 37 -13.50 11.81 0.16
CA PRO A 37 -13.06 12.97 0.95
C PRO A 37 -13.02 12.63 2.44
N THR A 38 -13.63 11.51 2.78
CA THR A 38 -13.68 11.04 4.14
C THR A 38 -12.54 10.09 4.47
N GLY A 39 -11.83 9.64 3.42
CA GLY A 39 -10.68 8.80 3.63
C GLY A 39 -10.68 7.55 2.78
N ILE A 40 -10.06 6.49 3.31
CA ILE A 40 -9.87 5.25 2.59
C ILE A 40 -11.20 4.58 2.25
N ASP A 41 -11.35 4.17 0.99
CA ASP A 41 -12.58 3.56 0.52
C ASP A 41 -12.27 2.47 -0.51
N THR A 42 -12.14 1.25 -0.05
CA THR A 42 -11.80 0.10 -0.90
C THR A 42 -12.90 -0.25 -1.92
N ALA A 43 -14.11 0.23 -1.67
CA ALA A 43 -15.29 -0.20 -2.45
C ALA A 43 -15.10 -0.06 -3.96
N LYS A 44 -14.46 1.01 -4.40
CA LYS A 44 -14.27 1.25 -5.83
C LYS A 44 -12.95 0.66 -6.29
N LEU A 45 -12.06 0.44 -5.33
CA LEU A 45 -10.73 -0.07 -5.59
C LEU A 45 -10.83 -1.45 -6.22
N TYR A 46 -11.75 -2.27 -5.73
CA TYR A 46 -11.93 -3.63 -6.26
C TYR A 46 -12.16 -3.64 -7.77
N PRO A 47 -13.24 -3.01 -8.29
CA PRO A 47 -13.56 -3.05 -9.71
C PRO A 47 -12.44 -2.48 -10.58
N ILE A 48 -11.92 -1.32 -10.20
CA ILE A 48 -10.90 -0.70 -11.02
C ILE A 48 -9.63 -1.54 -11.04
N LEU A 49 -9.08 -1.84 -9.86
CA LEU A 49 -7.92 -2.72 -9.77
C LEU A 49 -8.11 -4.09 -10.39
N MET A 50 -9.25 -4.71 -10.21
CA MET A 50 -9.45 -6.01 -10.83
C MET A 50 -9.50 -5.85 -12.35
N SER A 51 -9.90 -4.66 -12.80
CA SER A 51 -9.90 -4.32 -14.22
C SER A 51 -8.48 -4.09 -14.72
N SER A 52 -7.57 -3.82 -13.78
CA SER A 52 -6.15 -3.70 -14.09
C SER A 52 -5.56 -5.09 -14.32
N GLY A 53 -6.39 -6.12 -14.16
CA GLY A 53 -5.96 -7.49 -14.36
C GLY A 53 -5.54 -8.12 -13.04
N LEU A 54 -6.01 -7.57 -11.94
CA LEU A 54 -5.68 -8.05 -10.62
C LEU A 54 -6.83 -8.88 -10.03
N PRO A 55 -6.52 -9.83 -9.13
CA PRO A 55 -7.49 -10.72 -8.56
C PRO A 55 -8.33 -10.03 -7.51
N ARG A 56 -9.65 -10.19 -7.59
CA ARG A 56 -10.54 -9.68 -6.57
C ARG A 56 -10.17 -10.31 -5.22
N GLU A 57 -9.53 -11.47 -5.30
CA GLU A 57 -9.04 -12.16 -4.13
C GLU A 57 -7.88 -11.42 -3.48
N THR A 58 -6.81 -11.22 -4.24
CA THR A 58 -5.64 -10.54 -3.74
C THR A 58 -5.94 -9.09 -3.37
N LEU A 59 -6.76 -8.43 -4.17
CA LEU A 59 -7.16 -7.04 -3.87
C LEU A 59 -7.78 -6.93 -2.47
N GLY A 60 -8.72 -7.83 -2.16
CA GLY A 60 -9.32 -7.82 -0.84
C GLY A 60 -8.32 -8.05 0.25
N GLN A 61 -7.42 -8.98 0.00
CA GLN A 61 -6.41 -9.34 0.96
C GLN A 61 -5.48 -8.16 1.19
N ILE A 62 -5.14 -7.48 0.10
CA ILE A 62 -4.27 -6.33 0.13
C ILE A 62 -4.81 -5.24 1.07
N TRP A 63 -6.13 -5.00 1.09
CA TRP A 63 -6.66 -4.03 2.05
C TRP A 63 -6.56 -4.59 3.45
N ALA A 64 -6.66 -5.91 3.52
CA ALA A 64 -6.76 -6.62 4.79
C ALA A 64 -5.39 -6.81 5.41
N LEU A 65 -4.36 -6.50 4.62
CA LEU A 65 -3.00 -6.48 5.11
C LEU A 65 -2.70 -5.12 5.73
N ALA A 66 -3.36 -4.84 6.85
CA ALA A 66 -3.24 -3.56 7.52
C ALA A 66 -1.94 -3.46 8.32
N ASN A 67 -0.98 -4.32 7.96
CA ASN A 67 0.36 -4.36 8.58
C ASN A 67 0.28 -4.84 10.02
N ARG A 68 -0.38 -4.06 10.87
CA ARG A 68 -0.49 -4.36 12.28
C ARG A 68 -1.71 -5.26 12.50
N THR A 69 -1.63 -6.11 13.52
CA THR A 69 -2.68 -7.06 13.82
C THR A 69 -3.88 -6.39 14.48
N THR A 70 -4.58 -5.57 13.72
CA THR A 70 -5.76 -4.86 14.21
C THR A 70 -6.67 -4.51 13.04
N PRO A 71 -7.99 -4.80 13.16
CA PRO A 71 -8.98 -4.48 12.11
C PRO A 71 -9.29 -2.98 12.02
N GLY A 72 -8.24 -2.18 12.01
CA GLY A 72 -8.38 -0.74 11.93
C GLY A 72 -8.30 -0.24 10.51
N LYS A 73 -8.93 0.90 10.25
CA LYS A 73 -8.88 1.50 8.93
C LYS A 73 -7.45 1.84 8.57
N LEU A 74 -7.11 1.70 7.30
CA LEU A 74 -5.76 1.90 6.81
C LEU A 74 -5.27 3.33 7.10
N THR A 75 -4.33 3.44 8.02
CA THR A 75 -3.64 4.70 8.27
C THR A 75 -2.86 5.09 7.02
N LYS A 76 -2.59 6.38 6.81
CA LYS A 76 -1.93 6.84 5.58
C LYS A 76 -0.68 6.02 5.27
N GLU A 77 0.18 5.86 6.27
CA GLU A 77 1.40 5.04 6.12
C GLU A 77 1.05 3.61 5.71
N GLU A 78 0.08 3.03 6.39
CA GLU A 78 -0.32 1.65 6.11
C GLU A 78 -0.95 1.57 4.72
N LEU A 79 -1.56 2.67 4.30
CA LEU A 79 -2.16 2.78 2.98
C LEU A 79 -1.06 2.78 1.93
N TYR A 80 0.09 3.34 2.28
CA TYR A 80 1.23 3.29 1.38
C TYR A 80 1.64 1.83 1.17
N THR A 81 1.51 1.02 2.21
CA THR A 81 1.74 -0.42 2.11
C THR A 81 0.78 -1.06 1.11
N VAL A 82 -0.47 -0.63 1.12
CA VAL A 82 -1.49 -1.18 0.23
C VAL A 82 -1.17 -0.78 -1.21
N LEU A 83 -0.75 0.48 -1.35
CA LEU A 83 -0.39 1.05 -2.65
C LEU A 83 0.79 0.31 -3.23
N ALA A 84 1.76 0.01 -2.38
CA ALA A 84 2.95 -0.67 -2.82
C ALA A 84 2.67 -2.11 -3.20
N MET A 85 1.82 -2.80 -2.43
CA MET A 85 1.53 -4.19 -2.71
C MET A 85 0.78 -4.32 -4.03
N ILE A 86 -0.07 -3.34 -4.33
CA ILE A 86 -0.76 -3.32 -5.60
C ILE A 86 0.27 -3.22 -6.72
N ALA A 87 1.15 -2.24 -6.59
CA ALA A 87 2.18 -1.97 -7.57
C ALA A 87 3.04 -3.21 -7.85
N VAL A 88 3.46 -3.87 -6.79
CA VAL A 88 4.27 -5.06 -6.88
C VAL A 88 3.49 -6.23 -7.52
N THR A 89 2.23 -6.33 -7.15
CA THR A 89 1.37 -7.39 -7.70
C THR A 89 1.22 -7.18 -9.21
N GLN A 90 0.90 -5.95 -9.59
CA GLN A 90 0.78 -5.57 -11.00
C GLN A 90 2.06 -5.84 -11.78
N ARG A 91 3.23 -5.69 -11.14
CA ARG A 91 4.48 -5.85 -11.86
C ARG A 91 4.92 -7.32 -11.91
N GLY A 92 3.98 -8.21 -11.57
CA GLY A 92 4.21 -9.63 -11.74
C GLY A 92 4.85 -10.28 -10.53
N VAL A 93 4.92 -9.53 -9.44
CA VAL A 93 5.48 -10.05 -8.21
C VAL A 93 4.37 -10.23 -7.17
N PRO A 94 3.92 -11.47 -6.93
CA PRO A 94 2.85 -11.73 -5.96
C PRO A 94 3.31 -11.46 -4.53
N ALA A 95 2.41 -10.91 -3.72
CA ALA A 95 2.75 -10.57 -2.35
C ALA A 95 2.38 -11.70 -1.40
N MET A 96 3.40 -12.40 -0.93
CA MET A 96 3.21 -13.47 0.03
C MET A 96 3.95 -13.15 1.33
N SER A 97 5.13 -12.58 1.17
CA SER A 97 5.96 -12.20 2.32
C SER A 97 6.35 -10.73 2.23
N PRO A 98 6.13 -9.98 3.32
CA PRO A 98 6.41 -8.54 3.36
C PRO A 98 7.91 -8.21 3.28
N ASP A 99 8.74 -9.25 3.42
CA ASP A 99 10.19 -9.09 3.35
C ASP A 99 10.62 -8.55 2.00
N ALA A 100 9.85 -8.87 0.98
CA ALA A 100 10.15 -8.43 -0.39
C ALA A 100 10.05 -6.91 -0.52
N LEU A 101 9.26 -6.29 0.36
CA LEU A 101 9.05 -4.86 0.29
C LEU A 101 10.29 -4.11 0.73
N ASN A 102 11.05 -4.74 1.62
CA ASN A 102 12.26 -4.18 2.15
C ASN A 102 13.35 -4.12 1.08
N GLN A 103 13.24 -5.00 0.10
CA GLN A 103 14.30 -5.18 -0.89
C GLN A 103 14.19 -4.19 -2.03
N PHE A 104 13.08 -3.45 -2.08
CA PHE A 104 12.90 -2.40 -3.07
C PHE A 104 13.40 -1.09 -2.51
N PRO A 105 14.44 -0.51 -3.14
CA PRO A 105 14.99 0.80 -2.78
C PRO A 105 13.93 1.90 -2.72
N ALA A 106 13.01 1.81 -3.64
CA ALA A 106 11.92 2.76 -3.75
C ALA A 106 10.62 2.03 -3.99
N ALA A 107 9.51 2.64 -3.60
CA ALA A 107 8.20 2.04 -3.79
C ALA A 107 7.54 2.58 -5.06
N PRO A 108 7.23 1.68 -6.00
CA PRO A 108 6.59 2.06 -7.25
C PRO A 108 5.12 2.45 -7.07
N ILE A 109 4.66 3.36 -7.91
CA ILE A 109 3.28 3.81 -7.88
C ILE A 109 2.41 2.87 -8.70
N PRO A 110 1.27 2.42 -8.13
CA PRO A 110 0.33 1.54 -8.81
C PRO A 110 -0.13 2.10 -10.14
N THR A 111 -0.12 1.25 -11.16
CA THR A 111 -0.40 1.67 -12.51
C THR A 111 -1.87 1.47 -12.86
N LEU A 112 -2.52 2.55 -13.25
CA LEU A 112 -3.94 2.54 -13.58
C LEU A 112 -4.22 3.58 -14.65
N SER A 1 -1.04 -8.33 13.81
CA SER A 1 -0.75 -6.95 14.22
C SER A 1 0.75 -6.77 14.43
N MET A 2 1.24 -5.55 14.26
CA MET A 2 2.64 -5.26 14.48
C MET A 2 2.80 -4.22 15.58
N PHE A 3 3.62 -4.53 16.57
CA PHE A 3 3.98 -3.57 17.59
C PHE A 3 5.41 -3.11 17.34
N PRO A 4 5.81 -1.96 17.89
CA PRO A 4 7.09 -1.34 17.59
C PRO A 4 8.22 -1.91 18.43
N SER A 5 9.26 -2.37 17.75
CA SER A 5 10.39 -3.02 18.40
C SER A 5 11.19 -2.04 19.26
N GLN A 6 11.24 -2.35 20.55
CA GLN A 6 11.96 -1.53 21.54
C GLN A 6 11.26 -0.19 21.77
N ASP A 7 11.28 0.67 20.78
CA ASP A 7 10.76 2.03 20.93
C ASP A 7 9.66 2.31 19.91
N PRO A 8 8.61 3.04 20.33
CA PRO A 8 7.46 3.35 19.48
C PRO A 8 7.71 4.51 18.51
N ALA A 9 8.97 4.87 18.38
CA ALA A 9 9.38 5.91 17.44
C ALA A 9 10.70 5.52 16.78
N GLN A 10 11.07 4.26 16.96
CA GLN A 10 12.32 3.72 16.43
C GLN A 10 12.03 2.99 15.12
N PRO A 11 12.50 3.57 14.01
CA PRO A 11 12.23 3.05 12.66
C PRO A 11 12.78 1.64 12.43
N ARG A 12 11.98 0.82 11.76
CA ARG A 12 12.41 -0.51 11.34
C ARG A 12 11.79 -0.85 10.00
N MET A 13 10.64 -0.25 9.76
CA MET A 13 9.89 -0.50 8.55
C MET A 13 10.44 0.29 7.36
N PRO A 14 9.99 -0.01 6.13
CA PRO A 14 10.39 0.73 4.93
C PRO A 14 10.16 2.23 5.09
N PRO A 15 11.20 3.02 4.79
CA PRO A 15 11.20 4.47 5.03
C PRO A 15 10.11 5.21 4.26
N TRP A 16 9.72 4.69 3.09
CA TRP A 16 8.71 5.34 2.26
C TRP A 16 7.35 5.44 2.96
N ILE A 17 7.11 4.53 3.90
CA ILE A 17 5.81 4.45 4.56
C ILE A 17 5.51 5.72 5.36
N TYR A 18 6.52 6.21 6.07
CA TYR A 18 6.38 7.37 6.93
C TYR A 18 6.82 8.66 6.26
N ASN A 19 6.60 8.76 4.95
CA ASN A 19 6.95 9.96 4.23
C ASN A 19 5.72 10.86 4.15
N GLU A 20 5.48 11.59 5.23
CA GLU A 20 4.30 12.42 5.35
C GLU A 20 4.38 13.65 4.45
N SER A 21 5.59 14.16 4.28
CA SER A 21 5.80 15.38 3.52
C SER A 21 5.38 15.20 2.06
N LEU A 22 5.99 14.23 1.38
CA LEU A 22 5.70 13.99 -0.01
C LEU A 22 4.65 12.90 -0.16
N VAL A 23 3.40 13.28 0.05
CA VAL A 23 2.28 12.38 -0.17
C VAL A 23 2.35 11.77 -1.57
N PRO A 24 2.33 10.43 -1.65
CA PRO A 24 2.51 9.71 -2.91
C PRO A 24 1.47 10.08 -3.94
N ASP A 25 1.91 10.15 -5.18
CA ASP A 25 1.02 10.32 -6.33
C ASP A 25 0.04 9.17 -6.39
N ALA A 26 0.49 8.03 -5.88
CA ALA A 26 -0.33 6.84 -5.77
C ALA A 26 -1.57 7.09 -4.90
N TYR A 27 -1.36 7.85 -3.84
CA TYR A 27 -2.42 8.10 -2.85
C TYR A 27 -3.41 9.13 -3.42
N LYS A 28 -2.91 10.29 -3.84
CA LYS A 28 -3.75 11.27 -4.53
C LYS A 28 -4.45 10.65 -5.74
N LYS A 29 -3.77 9.76 -6.47
CA LYS A 29 -4.40 9.03 -7.57
C LYS A 29 -5.58 8.25 -7.07
N ILE A 30 -5.33 7.47 -6.04
CA ILE A 30 -6.36 6.65 -5.47
C ILE A 30 -7.51 7.51 -4.94
N LEU A 31 -7.20 8.69 -4.43
CA LEU A 31 -8.26 9.62 -4.02
C LEU A 31 -9.22 9.91 -5.15
N GLU A 32 -8.67 10.28 -6.29
CA GLU A 32 -9.44 10.47 -7.50
C GLU A 32 -10.15 9.17 -7.91
N THR A 33 -9.40 8.09 -7.83
CA THR A 33 -9.86 6.77 -8.22
C THR A 33 -10.99 6.21 -7.32
N THR A 34 -10.64 5.79 -6.12
CA THR A 34 -11.55 5.04 -5.25
C THR A 34 -11.69 5.64 -3.86
N MET A 35 -10.86 6.61 -3.52
CA MET A 35 -10.84 7.15 -2.17
C MET A 35 -11.91 8.22 -1.99
N THR A 36 -12.13 8.62 -0.74
CA THR A 36 -13.11 9.63 -0.42
C THR A 36 -12.46 10.79 0.33
N PRO A 37 -13.15 11.94 0.46
CA PRO A 37 -12.61 13.10 1.17
C PRO A 37 -12.20 12.76 2.60
N THR A 38 -12.91 11.82 3.19
CA THR A 38 -12.68 11.45 4.57
C THR A 38 -11.63 10.35 4.71
N GLY A 39 -11.28 9.71 3.61
CA GLY A 39 -10.23 8.72 3.66
C GLY A 39 -10.41 7.59 2.66
N ILE A 40 -9.85 6.44 2.99
CA ILE A 40 -9.79 5.31 2.09
C ILE A 40 -11.13 4.60 1.96
N ASP A 41 -11.45 4.16 0.75
CA ASP A 41 -12.66 3.38 0.51
C ASP A 41 -12.39 2.34 -0.58
N THR A 42 -12.16 1.11 -0.15
CA THR A 42 -11.79 0.01 -1.04
C THR A 42 -12.92 -0.39 -2.01
N ALA A 43 -14.14 0.04 -1.72
CA ALA A 43 -15.33 -0.39 -2.47
C ALA A 43 -15.19 -0.20 -3.97
N LYS A 44 -14.55 0.89 -4.38
CA LYS A 44 -14.40 1.18 -5.81
C LYS A 44 -13.11 0.57 -6.36
N LEU A 45 -12.17 0.31 -5.46
CA LEU A 45 -10.87 -0.24 -5.84
C LEU A 45 -11.04 -1.61 -6.46
N TYR A 46 -11.93 -2.40 -5.85
CA TYR A 46 -12.19 -3.77 -6.29
C TYR A 46 -12.43 -3.86 -7.80
N PRO A 47 -13.49 -3.22 -8.34
CA PRO A 47 -13.83 -3.37 -9.74
C PRO A 47 -12.78 -2.78 -10.65
N ILE A 48 -12.24 -1.62 -10.29
CA ILE A 48 -11.25 -0.99 -11.14
C ILE A 48 -9.95 -1.79 -11.19
N LEU A 49 -9.33 -2.04 -10.04
CA LEU A 49 -8.10 -2.85 -10.01
C LEU A 49 -8.27 -4.26 -10.56
N MET A 50 -9.39 -4.91 -10.31
CA MET A 50 -9.57 -6.26 -10.87
C MET A 50 -9.68 -6.13 -12.39
N SER A 51 -10.13 -4.98 -12.84
CA SER A 51 -10.21 -4.69 -14.26
C SER A 51 -8.82 -4.38 -14.80
N SER A 52 -7.92 -4.02 -13.89
CA SER A 52 -6.52 -3.82 -14.24
C SER A 52 -5.75 -5.15 -14.11
N GLY A 53 -6.49 -6.24 -14.06
CA GLY A 53 -5.89 -7.57 -14.13
C GLY A 53 -5.56 -8.18 -12.78
N LEU A 54 -5.92 -7.49 -11.71
CA LEU A 54 -5.58 -7.94 -10.39
C LEU A 54 -6.69 -8.81 -9.78
N PRO A 55 -6.33 -9.71 -8.85
CA PRO A 55 -7.27 -10.66 -8.27
C PRO A 55 -8.18 -10.01 -7.24
N ARG A 56 -9.49 -10.26 -7.36
CA ARG A 56 -10.45 -9.87 -6.34
C ARG A 56 -9.97 -10.35 -4.96
N GLU A 57 -9.29 -11.49 -4.99
CA GLU A 57 -8.72 -12.07 -3.78
C GLU A 57 -7.59 -11.22 -3.24
N THR A 58 -6.56 -11.02 -4.04
CA THR A 58 -5.39 -10.26 -3.62
C THR A 58 -5.72 -8.79 -3.35
N LEU A 59 -6.58 -8.19 -4.16
CA LEU A 59 -7.01 -6.81 -3.92
C LEU A 59 -7.57 -6.67 -2.50
N GLY A 60 -8.50 -7.57 -2.18
CA GLY A 60 -9.12 -7.55 -0.88
C GLY A 60 -8.13 -7.79 0.24
N GLN A 61 -7.20 -8.72 0.00
CA GLN A 61 -6.20 -9.06 0.98
C GLN A 61 -5.29 -7.87 1.22
N ILE A 62 -4.92 -7.20 0.13
CA ILE A 62 -4.06 -6.05 0.18
C ILE A 62 -4.63 -4.95 1.09
N TRP A 63 -5.95 -4.70 1.04
CA TRP A 63 -6.53 -3.71 1.96
C TRP A 63 -6.48 -4.26 3.38
N ALA A 64 -6.61 -5.58 3.45
CA ALA A 64 -6.85 -6.29 4.69
C ALA A 64 -5.55 -6.53 5.47
N LEU A 65 -4.43 -6.22 4.83
CA LEU A 65 -3.12 -6.37 5.48
C LEU A 65 -2.86 -5.25 6.47
N ALA A 66 -3.76 -5.11 7.44
CA ALA A 66 -3.60 -4.13 8.50
C ALA A 66 -2.34 -4.43 9.30
N ASN A 67 -1.45 -3.47 9.34
CA ASN A 67 -0.14 -3.65 9.94
C ASN A 67 -0.08 -2.95 11.29
N ARG A 68 -0.46 -1.69 11.31
CA ARG A 68 -0.40 -0.89 12.51
C ARG A 68 -1.70 -1.02 13.30
N THR A 69 -1.58 -1.35 14.57
CA THR A 69 -2.71 -1.36 15.46
C THR A 69 -3.17 0.08 15.73
N THR A 70 -4.19 0.52 14.99
CA THR A 70 -4.65 1.89 15.06
C THR A 70 -6.14 1.96 14.78
N PRO A 71 -6.87 2.77 15.55
CA PRO A 71 -8.33 2.92 15.40
C PRO A 71 -8.73 3.81 14.23
N GLY A 72 -8.06 3.63 13.11
CA GLY A 72 -8.34 4.40 11.92
C GLY A 72 -8.54 3.51 10.73
N LYS A 73 -9.39 3.93 9.80
CA LYS A 73 -9.70 3.13 8.63
C LYS A 73 -8.61 3.30 7.58
N LEU A 74 -7.67 2.36 7.57
CA LEU A 74 -6.50 2.40 6.68
C LEU A 74 -5.81 3.76 6.73
N THR A 75 -5.02 3.96 7.79
CA THR A 75 -4.25 5.18 7.94
C THR A 75 -3.29 5.37 6.77
N LYS A 76 -2.89 6.60 6.49
CA LYS A 76 -2.04 6.90 5.34
C LYS A 76 -0.82 5.96 5.27
N GLU A 77 -0.14 5.77 6.40
CA GLU A 77 0.98 4.82 6.48
C GLU A 77 0.56 3.41 6.01
N GLU A 78 -0.59 2.96 6.49
CA GLU A 78 -1.15 1.68 6.10
C GLU A 78 -1.47 1.66 4.61
N LEU A 79 -1.91 2.81 4.11
CA LEU A 79 -2.33 2.94 2.73
C LEU A 79 -1.12 2.86 1.81
N TYR A 80 0.03 3.33 2.29
CA TYR A 80 1.24 3.25 1.49
C TYR A 80 1.67 1.79 1.34
N THR A 81 1.52 1.02 2.42
CA THR A 81 1.75 -0.40 2.37
C THR A 81 0.83 -1.05 1.34
N VAL A 82 -0.38 -0.51 1.23
CA VAL A 82 -1.38 -0.99 0.30
C VAL A 82 -0.98 -0.64 -1.14
N LEU A 83 -0.64 0.62 -1.37
CA LEU A 83 -0.25 1.11 -2.70
C LEU A 83 0.96 0.36 -3.22
N ALA A 84 1.93 0.14 -2.35
CA ALA A 84 3.16 -0.53 -2.74
C ALA A 84 2.89 -1.98 -3.08
N MET A 85 1.94 -2.59 -2.38
CA MET A 85 1.57 -3.98 -2.64
C MET A 85 0.85 -4.09 -3.98
N ILE A 86 0.05 -3.08 -4.32
CA ILE A 86 -0.64 -3.07 -5.60
C ILE A 86 0.37 -2.90 -6.72
N ALA A 87 1.30 -1.98 -6.51
CA ALA A 87 2.32 -1.66 -7.49
C ALA A 87 3.15 -2.88 -7.85
N VAL A 88 3.67 -3.58 -6.85
CA VAL A 88 4.51 -4.75 -7.11
C VAL A 88 3.70 -5.89 -7.72
N THR A 89 2.40 -5.95 -7.40
CA THR A 89 1.53 -6.98 -7.95
C THR A 89 1.34 -6.74 -9.44
N GLN A 90 1.17 -5.47 -9.80
CA GLN A 90 1.13 -5.07 -11.20
C GLN A 90 2.39 -5.49 -11.94
N ARG A 91 3.51 -5.51 -11.23
CA ARG A 91 4.79 -5.89 -11.81
C ARG A 91 4.86 -7.40 -12.03
N GLY A 92 3.85 -8.12 -11.58
CA GLY A 92 3.85 -9.56 -11.67
C GLY A 92 4.50 -10.20 -10.47
N VAL A 93 4.70 -9.40 -9.42
CA VAL A 93 5.21 -9.91 -8.17
C VAL A 93 4.10 -9.84 -7.10
N PRO A 94 3.49 -10.98 -6.78
CA PRO A 94 2.38 -11.02 -5.83
C PRO A 94 2.82 -10.60 -4.43
N ALA A 95 1.95 -9.88 -3.73
CA ALA A 95 2.27 -9.43 -2.39
C ALA A 95 1.78 -10.45 -1.38
N MET A 96 2.71 -11.20 -0.82
CA MET A 96 2.40 -12.24 0.13
C MET A 96 3.06 -11.96 1.48
N SER A 97 4.25 -11.38 1.41
CA SER A 97 5.04 -11.11 2.59
C SER A 97 5.70 -9.74 2.50
N PRO A 98 5.84 -9.04 3.64
CA PRO A 98 6.46 -7.71 3.69
C PRO A 98 7.93 -7.73 3.32
N ASP A 99 8.51 -8.93 3.28
CA ASP A 99 9.89 -9.12 2.87
C ASP A 99 10.11 -8.64 1.44
N ALA A 100 9.03 -8.67 0.65
CA ALA A 100 9.10 -8.27 -0.76
C ALA A 100 9.37 -6.77 -0.92
N LEU A 101 9.01 -5.98 0.08
CA LEU A 101 9.23 -4.54 0.01
C LEU A 101 10.71 -4.23 0.16
N ASN A 102 11.42 -5.14 0.83
CA ASN A 102 12.82 -4.98 1.10
C ASN A 102 13.65 -5.03 -0.17
N GLN A 103 13.12 -5.68 -1.19
CA GLN A 103 13.85 -5.88 -2.43
C GLN A 103 13.78 -4.65 -3.32
N PHE A 104 12.87 -3.76 -2.99
CA PHE A 104 12.72 -2.52 -3.72
C PHE A 104 13.22 -1.36 -2.87
N PRO A 105 14.27 -0.68 -3.35
CA PRO A 105 14.86 0.49 -2.69
C PRO A 105 13.84 1.56 -2.36
N ALA A 106 12.92 1.72 -3.29
CA ALA A 106 11.79 2.61 -3.13
C ALA A 106 10.52 1.92 -3.58
N ALA A 107 9.39 2.32 -3.02
CA ALA A 107 8.12 1.69 -3.36
C ALA A 107 7.49 2.34 -4.59
N PRO A 108 7.19 1.52 -5.60
CA PRO A 108 6.53 1.97 -6.83
C PRO A 108 5.14 2.54 -6.58
N ILE A 109 4.74 3.48 -7.43
CA ILE A 109 3.38 3.96 -7.46
C ILE A 109 2.58 3.11 -8.43
N PRO A 110 1.50 2.46 -7.98
CA PRO A 110 0.67 1.63 -8.86
C PRO A 110 0.08 2.46 -9.98
N THR A 111 0.26 1.99 -11.21
CA THR A 111 -0.15 2.75 -12.37
C THR A 111 -1.41 2.21 -13.03
N LEU A 112 -2.43 3.04 -13.14
CA LEU A 112 -3.41 2.88 -14.20
C LEU A 112 -3.36 4.06 -15.14
N SER A 1 21.17 -1.40 3.53
CA SER A 1 21.26 0.01 3.98
C SER A 1 21.31 0.10 5.50
N MET A 2 20.47 -0.68 6.16
CA MET A 2 20.39 -0.65 7.62
C MET A 2 20.60 -2.05 8.18
N PHE A 3 21.03 -2.10 9.43
CA PHE A 3 21.15 -3.36 10.13
C PHE A 3 19.76 -3.86 10.51
N PRO A 4 19.59 -5.19 10.60
CA PRO A 4 18.30 -5.78 10.90
C PRO A 4 17.82 -5.47 12.30
N SER A 5 16.59 -5.02 12.40
CA SER A 5 16.01 -4.62 13.67
C SER A 5 14.78 -5.46 13.97
N GLN A 6 14.95 -6.42 14.87
CA GLN A 6 13.87 -7.32 15.25
C GLN A 6 13.50 -7.09 16.71
N ASP A 7 14.04 -6.03 17.27
CA ASP A 7 13.83 -5.70 18.68
C ASP A 7 12.46 -5.09 18.89
N PRO A 8 11.67 -5.65 19.81
CA PRO A 8 10.35 -5.12 20.17
C PRO A 8 10.46 -3.84 21.01
N ALA A 9 11.18 -2.88 20.46
CA ALA A 9 11.44 -1.61 21.11
C ALA A 9 12.18 -0.70 20.14
N GLN A 10 12.84 -1.32 19.18
CA GLN A 10 13.55 -0.60 18.13
C GLN A 10 13.00 -0.98 16.76
N PRO A 11 12.03 -0.20 16.27
CA PRO A 11 11.35 -0.47 15.00
C PRO A 11 12.12 0.05 13.80
N ARG A 12 11.86 -0.54 12.64
CA ARG A 12 12.49 -0.08 11.42
C ARG A 12 11.76 1.12 10.85
N MET A 13 12.47 2.24 10.74
CA MET A 13 11.96 3.40 10.02
C MET A 13 11.65 3.01 8.58
N PRO A 14 10.35 2.96 8.23
CA PRO A 14 9.88 2.48 6.93
C PRO A 14 10.34 3.37 5.79
N PRO A 15 11.09 2.78 4.85
CA PRO A 15 11.83 3.50 3.81
C PRO A 15 11.00 4.50 3.02
N TRP A 16 9.79 4.10 2.61
CA TRP A 16 8.96 4.98 1.80
C TRP A 16 7.64 5.28 2.52
N ILE A 17 7.43 4.57 3.62
CA ILE A 17 6.17 4.68 4.35
C ILE A 17 6.20 5.93 5.22
N TYR A 18 7.37 6.19 5.78
CA TYR A 18 7.58 7.34 6.65
C TYR A 18 8.51 8.34 5.96
N ASN A 19 8.58 8.23 4.64
CA ASN A 19 9.45 9.08 3.84
C ASN A 19 8.88 10.49 3.74
N GLU A 20 9.80 11.45 3.54
CA GLU A 20 9.48 12.88 3.54
C GLU A 20 8.47 13.27 2.48
N SER A 21 8.28 12.42 1.48
CA SER A 21 7.29 12.67 0.43
C SER A 21 5.88 12.81 1.02
N LEU A 22 5.65 12.14 2.15
CA LEU A 22 4.37 12.19 2.86
C LEU A 22 3.20 11.66 2.03
N VAL A 23 2.71 12.45 1.10
CA VAL A 23 1.56 12.07 0.29
C VAL A 23 1.98 11.79 -1.16
N PRO A 24 2.00 10.51 -1.55
CA PRO A 24 2.37 10.09 -2.90
C PRO A 24 1.29 10.41 -3.93
N ASP A 25 1.72 10.50 -5.19
CA ASP A 25 0.81 10.69 -6.31
C ASP A 25 -0.19 9.55 -6.37
N ALA A 26 0.27 8.37 -5.96
CA ALA A 26 -0.54 7.18 -5.92
C ALA A 26 -1.72 7.35 -4.96
N TYR A 27 -1.50 8.09 -3.89
CA TYR A 27 -2.53 8.29 -2.88
C TYR A 27 -3.57 9.31 -3.36
N LYS A 28 -3.12 10.51 -3.72
CA LYS A 28 -4.00 11.50 -4.30
C LYS A 28 -4.74 10.98 -5.54
N LYS A 29 -4.12 10.08 -6.29
CA LYS A 29 -4.80 9.43 -7.41
C LYS A 29 -6.04 8.72 -6.92
N ILE A 30 -5.84 7.91 -5.91
CA ILE A 30 -6.90 7.09 -5.40
C ILE A 30 -8.03 7.96 -4.84
N LEU A 31 -7.69 9.12 -4.26
CA LEU A 31 -8.71 10.11 -3.85
C LEU A 31 -9.63 10.50 -5.01
N GLU A 32 -9.05 10.66 -6.18
CA GLU A 32 -9.81 10.94 -7.36
C GLU A 32 -10.54 9.70 -7.83
N THR A 33 -9.81 8.60 -7.82
CA THR A 33 -10.27 7.30 -8.30
C THR A 33 -11.41 6.70 -7.47
N THR A 34 -11.08 6.19 -6.29
CA THR A 34 -12.01 5.37 -5.52
C THR A 34 -12.19 5.85 -4.07
N MET A 35 -11.21 6.59 -3.56
CA MET A 35 -11.24 7.03 -2.18
C MET A 35 -12.00 8.35 -2.05
N THR A 36 -12.35 8.72 -0.82
CA THR A 36 -13.07 9.96 -0.57
C THR A 36 -12.29 10.84 0.38
N PRO A 37 -12.61 12.14 0.42
CA PRO A 37 -11.95 13.09 1.31
C PRO A 37 -12.10 12.70 2.77
N THR A 38 -13.04 11.82 3.03
CA THR A 38 -13.34 11.39 4.38
C THR A 38 -12.59 10.12 4.76
N GLY A 39 -12.04 9.43 3.76
CA GLY A 39 -11.16 8.32 4.05
C GLY A 39 -11.17 7.23 3.01
N ILE A 40 -10.53 6.12 3.35
CA ILE A 40 -10.29 5.01 2.44
C ILE A 40 -11.59 4.36 1.99
N ASP A 41 -11.64 3.99 0.72
CA ASP A 41 -12.84 3.39 0.15
C ASP A 41 -12.44 2.36 -0.90
N THR A 42 -12.12 1.16 -0.43
CA THR A 42 -11.68 0.07 -1.30
C THR A 42 -12.79 -0.41 -2.24
N ALA A 43 -14.04 -0.09 -1.90
CA ALA A 43 -15.22 -0.63 -2.58
C ALA A 43 -15.16 -0.46 -4.10
N LYS A 44 -14.72 0.70 -4.55
CA LYS A 44 -14.70 1.01 -5.97
C LYS A 44 -13.39 0.56 -6.60
N LEU A 45 -12.37 0.41 -5.78
CA LEU A 45 -11.06 0.02 -6.28
C LEU A 45 -11.02 -1.47 -6.56
N TYR A 46 -11.93 -2.23 -5.96
CA TYR A 46 -12.06 -3.65 -6.29
C TYR A 46 -12.20 -3.83 -7.80
N PRO A 47 -13.22 -3.22 -8.44
CA PRO A 47 -13.38 -3.34 -9.88
C PRO A 47 -12.25 -2.68 -10.65
N ILE A 48 -11.81 -1.49 -10.23
CA ILE A 48 -10.76 -0.80 -10.97
C ILE A 48 -9.45 -1.57 -10.96
N LEU A 49 -8.92 -1.89 -9.78
CA LEU A 49 -7.74 -2.75 -9.70
C LEU A 49 -7.91 -4.10 -10.40
N MET A 50 -9.05 -4.77 -10.22
CA MET A 50 -9.21 -6.08 -10.85
C MET A 50 -9.26 -5.93 -12.37
N SER A 51 -9.71 -4.75 -12.82
CA SER A 51 -9.74 -4.42 -14.24
C SER A 51 -8.32 -4.20 -14.74
N SER A 52 -7.43 -3.87 -13.82
CA SER A 52 -6.01 -3.68 -14.13
C SER A 52 -5.30 -5.03 -14.24
N GLY A 53 -6.07 -6.12 -14.13
CA GLY A 53 -5.52 -7.45 -14.30
C GLY A 53 -5.11 -8.07 -12.99
N LEU A 54 -5.69 -7.57 -11.91
CA LEU A 54 -5.38 -8.07 -10.60
C LEU A 54 -6.55 -8.86 -10.04
N PRO A 55 -6.24 -9.92 -9.27
CA PRO A 55 -7.25 -10.79 -8.68
C PRO A 55 -7.94 -10.12 -7.49
N ARG A 56 -9.26 -10.21 -7.46
CA ARG A 56 -10.06 -9.61 -6.40
C ARG A 56 -9.72 -10.21 -5.04
N GLU A 57 -9.18 -11.42 -5.07
CA GLU A 57 -8.73 -12.10 -3.85
C GLU A 57 -7.58 -11.33 -3.23
N THR A 58 -6.52 -11.16 -4.01
CA THR A 58 -5.35 -10.43 -3.57
C THR A 58 -5.68 -8.99 -3.24
N LEU A 59 -6.58 -8.39 -3.98
CA LEU A 59 -7.01 -7.02 -3.71
C LEU A 59 -7.54 -6.87 -2.27
N GLY A 60 -8.42 -7.78 -1.86
CA GLY A 60 -8.90 -7.77 -0.49
C GLY A 60 -7.78 -8.05 0.50
N GLN A 61 -6.85 -8.89 0.10
CA GLN A 61 -5.74 -9.28 0.95
C GLN A 61 -4.84 -8.08 1.19
N ILE A 62 -4.54 -7.38 0.11
CA ILE A 62 -3.70 -6.19 0.15
C ILE A 62 -4.25 -5.12 1.09
N TRP A 63 -5.56 -4.87 1.08
CA TRP A 63 -6.13 -3.89 2.00
C TRP A 63 -6.02 -4.41 3.43
N ALA A 64 -6.07 -5.73 3.54
CA ALA A 64 -6.15 -6.40 4.84
C ALA A 64 -4.77 -6.54 5.47
N LEU A 65 -3.73 -6.42 4.65
CA LEU A 65 -2.36 -6.54 5.13
C LEU A 65 -1.83 -5.22 5.66
N ALA A 66 -2.12 -4.97 6.92
CA ALA A 66 -1.60 -3.80 7.61
C ALA A 66 -0.96 -4.25 8.91
N ASN A 67 0.12 -3.59 9.31
CA ASN A 67 0.79 -3.94 10.55
C ASN A 67 -0.11 -3.56 11.72
N ARG A 68 -0.49 -4.55 12.51
CA ARG A 68 -1.53 -4.37 13.52
C ARG A 68 -1.02 -3.59 14.74
N THR A 69 -0.86 -2.30 14.54
CA THR A 69 -0.69 -1.34 15.61
C THR A 69 -1.26 -0.02 15.11
N THR A 70 -2.56 -0.05 14.84
CA THR A 70 -3.24 1.07 14.19
C THR A 70 -4.73 1.04 14.51
N PRO A 71 -5.21 1.99 15.32
CA PRO A 71 -6.63 2.09 15.69
C PRO A 71 -7.46 2.81 14.62
N GLY A 72 -7.16 2.52 13.36
CA GLY A 72 -7.87 3.14 12.26
C GLY A 72 -7.92 2.22 11.05
N LYS A 73 -8.94 2.37 10.23
CA LYS A 73 -9.09 1.55 9.03
C LYS A 73 -8.25 2.10 7.88
N LEU A 74 -7.06 1.53 7.70
CA LEU A 74 -6.15 1.92 6.64
C LEU A 74 -5.76 3.40 6.72
N THR A 75 -4.82 3.71 7.59
CA THR A 75 -4.28 5.06 7.66
C THR A 75 -3.42 5.33 6.43
N LYS A 76 -3.08 6.60 6.19
CA LYS A 76 -2.29 6.97 5.01
C LYS A 76 -1.06 6.07 4.87
N GLU A 77 -0.29 5.96 5.94
CA GLU A 77 0.89 5.11 5.98
C GLU A 77 0.55 3.67 5.64
N GLU A 78 -0.52 3.16 6.25
CA GLU A 78 -0.95 1.79 6.04
C GLU A 78 -1.30 1.57 4.58
N LEU A 79 -1.91 2.56 3.95
CA LEU A 79 -2.30 2.42 2.57
C LEU A 79 -1.14 2.66 1.63
N TYR A 80 -0.01 3.13 2.13
CA TYR A 80 1.18 3.17 1.29
C TYR A 80 1.68 1.75 1.15
N THR A 81 1.51 0.96 2.23
CA THR A 81 1.74 -0.47 2.17
C THR A 81 0.78 -1.09 1.15
N VAL A 82 -0.44 -0.54 1.09
CA VAL A 82 -1.46 -1.02 0.17
C VAL A 82 -1.08 -0.71 -1.28
N LEU A 83 -0.85 0.58 -1.55
CA LEU A 83 -0.43 1.05 -2.87
C LEU A 83 0.80 0.29 -3.38
N ALA A 84 1.76 0.07 -2.49
CA ALA A 84 3.00 -0.57 -2.85
C ALA A 84 2.77 -2.04 -3.19
N MET A 85 1.94 -2.72 -2.41
CA MET A 85 1.68 -4.12 -2.66
C MET A 85 0.90 -4.30 -3.95
N ILE A 86 0.05 -3.32 -4.25
CA ILE A 86 -0.68 -3.31 -5.51
C ILE A 86 0.31 -3.17 -6.67
N ALA A 87 1.21 -2.20 -6.54
CA ALA A 87 2.23 -1.93 -7.54
C ALA A 87 3.05 -3.19 -7.83
N VAL A 88 3.50 -3.85 -6.77
CA VAL A 88 4.30 -5.06 -6.89
C VAL A 88 3.51 -6.19 -7.54
N THR A 89 2.25 -6.31 -7.15
CA THR A 89 1.38 -7.34 -7.69
C THR A 89 1.23 -7.11 -9.20
N GLN A 90 1.00 -5.85 -9.56
CA GLN A 90 0.96 -5.43 -10.95
C GLN A 90 2.27 -5.75 -11.68
N ARG A 91 3.40 -5.69 -10.98
CA ARG A 91 4.68 -5.98 -11.61
C ARG A 91 4.87 -7.47 -11.84
N GLY A 92 3.80 -8.22 -11.65
CA GLY A 92 3.84 -9.66 -11.88
C GLY A 92 4.26 -10.43 -10.65
N VAL A 93 4.57 -9.70 -9.58
CA VAL A 93 5.04 -10.32 -8.35
C VAL A 93 3.92 -10.37 -7.31
N PRO A 94 3.42 -11.56 -7.01
CA PRO A 94 2.37 -11.73 -5.99
C PRO A 94 2.88 -11.42 -4.59
N ALA A 95 2.00 -10.89 -3.75
CA ALA A 95 2.38 -10.57 -2.39
C ALA A 95 2.07 -11.75 -1.47
N MET A 96 3.12 -12.43 -1.05
CA MET A 96 2.98 -13.58 -0.18
C MET A 96 3.70 -13.34 1.13
N SER A 97 4.85 -12.68 1.04
CA SER A 97 5.65 -12.39 2.21
C SER A 97 5.99 -10.89 2.25
N PRO A 98 5.72 -10.23 3.39
CA PRO A 98 5.98 -8.80 3.56
C PRO A 98 7.46 -8.45 3.46
N ASP A 99 8.30 -9.44 3.70
CA ASP A 99 9.76 -9.27 3.63
C ASP A 99 10.20 -8.90 2.21
N ALA A 100 9.37 -9.26 1.22
CA ALA A 100 9.70 -9.03 -0.18
C ALA A 100 9.79 -7.53 -0.48
N LEU A 101 9.32 -6.71 0.44
CA LEU A 101 9.37 -5.25 0.29
C LEU A 101 10.81 -4.76 0.36
N ASN A 102 11.66 -5.52 1.05
CA ASN A 102 13.07 -5.21 1.17
C ASN A 102 13.77 -5.29 -0.18
N GLN A 103 13.19 -6.07 -1.08
CA GLN A 103 13.81 -6.36 -2.38
C GLN A 103 13.58 -5.22 -3.35
N PHE A 104 12.80 -4.25 -2.93
CA PHE A 104 12.57 -3.05 -3.72
C PHE A 104 13.14 -1.84 -3.01
N PRO A 105 14.21 -1.27 -3.57
CA PRO A 105 14.82 -0.01 -3.08
C PRO A 105 13.81 1.11 -2.91
N ALA A 106 12.88 1.13 -3.84
CA ALA A 106 11.80 2.11 -3.85
C ALA A 106 10.48 1.41 -4.16
N ALA A 107 9.41 1.86 -3.52
CA ALA A 107 8.09 1.28 -3.74
C ALA A 107 7.41 1.91 -4.95
N PRO A 108 7.08 1.09 -5.95
CA PRO A 108 6.41 1.55 -7.17
C PRO A 108 5.03 2.14 -6.91
N ILE A 109 4.61 3.01 -7.81
CA ILE A 109 3.25 3.53 -7.81
C ILE A 109 2.38 2.65 -8.70
N PRO A 110 1.23 2.21 -8.19
CA PRO A 110 0.29 1.38 -8.94
C PRO A 110 -0.14 2.04 -10.25
N THR A 111 -0.09 1.28 -11.32
CA THR A 111 -0.43 1.78 -12.65
C THR A 111 -1.92 1.60 -12.93
N LEU A 112 -2.58 2.69 -13.25
CA LEU A 112 -4.02 2.69 -13.47
C LEU A 112 -4.41 3.88 -14.35
N SER A 1 19.10 5.25 15.56
CA SER A 1 18.22 4.77 16.63
C SER A 1 17.26 3.69 16.14
N MET A 2 17.51 3.17 14.94
CA MET A 2 16.64 2.16 14.36
C MET A 2 17.41 0.91 13.96
N PHE A 3 17.95 0.24 14.96
CA PHE A 3 18.51 -1.10 14.81
C PHE A 3 17.57 -2.06 15.50
N PRO A 4 17.67 -3.37 15.23
CA PRO A 4 16.85 -4.35 15.92
C PRO A 4 17.16 -4.35 17.40
N SER A 5 16.14 -4.11 18.19
CA SER A 5 16.31 -3.86 19.61
C SER A 5 15.61 -4.93 20.43
N GLN A 6 16.41 -5.66 21.20
CA GLN A 6 15.92 -6.79 22.03
C GLN A 6 15.51 -7.95 21.13
N ASP A 7 14.53 -7.72 20.29
CA ASP A 7 14.08 -8.69 19.32
C ASP A 7 15.00 -8.68 18.11
N PRO A 8 15.79 -9.75 17.91
CA PRO A 8 16.80 -9.80 16.86
C PRO A 8 16.24 -10.17 15.49
N ALA A 9 14.93 -10.07 15.36
CA ALA A 9 14.26 -10.33 14.10
C ALA A 9 13.14 -9.30 13.90
N GLN A 10 13.24 -8.21 14.64
CA GLN A 10 12.20 -7.19 14.61
C GLN A 10 12.53 -6.13 13.58
N PRO A 11 11.66 -5.98 12.57
CA PRO A 11 11.81 -4.97 11.52
C PRO A 11 11.63 -3.56 12.07
N ARG A 12 11.96 -2.57 11.26
CA ARG A 12 11.89 -1.18 11.68
C ARG A 12 10.86 -0.45 10.82
N MET A 13 10.95 0.87 10.76
CA MET A 13 10.00 1.66 9.99
C MET A 13 10.42 1.73 8.53
N PRO A 14 9.58 1.21 7.61
CA PRO A 14 9.82 1.31 6.18
C PRO A 14 9.83 2.76 5.72
N PRO A 15 10.95 3.23 5.15
CA PRO A 15 11.21 4.67 4.95
C PRO A 15 10.12 5.40 4.19
N TRP A 16 9.67 4.82 3.08
CA TRP A 16 8.62 5.46 2.28
C TRP A 16 7.20 5.15 2.77
N ILE A 17 7.03 4.24 3.72
CA ILE A 17 5.68 3.96 4.21
C ILE A 17 5.33 4.88 5.36
N TYR A 18 6.29 5.05 6.27
CA TYR A 18 6.13 5.95 7.39
C TYR A 18 6.69 7.31 7.05
N ASN A 19 6.57 7.68 5.77
CA ASN A 19 7.11 8.92 5.28
C ASN A 19 6.11 10.05 5.51
N GLU A 20 6.22 10.69 6.65
CA GLU A 20 5.31 11.75 7.04
C GLU A 20 5.56 13.02 6.22
N SER A 21 6.69 13.05 5.53
CA SER A 21 7.13 14.24 4.82
C SER A 21 6.20 14.61 3.66
N LEU A 22 5.89 13.64 2.81
CA LEU A 22 5.11 13.94 1.61
C LEU A 22 4.01 12.92 1.37
N VAL A 23 3.08 13.28 0.50
CA VAL A 23 2.03 12.38 0.05
C VAL A 23 2.33 11.90 -1.36
N PRO A 24 2.48 10.58 -1.54
CA PRO A 24 2.83 9.98 -2.84
C PRO A 24 1.77 10.28 -3.91
N ASP A 25 2.24 10.31 -5.15
CA ASP A 25 1.36 10.48 -6.30
C ASP A 25 0.34 9.36 -6.35
N ALA A 26 0.75 8.22 -5.83
CA ALA A 26 -0.10 7.04 -5.79
C ALA A 26 -1.33 7.27 -4.90
N TYR A 27 -1.14 8.00 -3.81
CA TYR A 27 -2.21 8.22 -2.83
C TYR A 27 -3.18 9.29 -3.34
N LYS A 28 -2.66 10.47 -3.69
CA LYS A 28 -3.48 11.49 -4.33
C LYS A 28 -4.20 10.95 -5.58
N LYS A 29 -3.52 10.10 -6.34
CA LYS A 29 -4.16 9.40 -7.44
C LYS A 29 -5.32 8.57 -6.94
N ILE A 30 -5.02 7.77 -5.93
CA ILE A 30 -6.00 6.85 -5.41
C ILE A 30 -7.24 7.61 -4.93
N LEU A 31 -7.05 8.85 -4.46
CA LEU A 31 -8.18 9.72 -4.13
C LEU A 31 -9.11 9.88 -5.32
N GLU A 32 -8.53 10.24 -6.46
CA GLU A 32 -9.25 10.33 -7.69
C GLU A 32 -9.85 8.97 -8.08
N THR A 33 -9.08 7.93 -7.85
CA THR A 33 -9.46 6.56 -8.14
C THR A 33 -10.65 6.05 -7.28
N THR A 34 -10.37 5.73 -6.02
CA THR A 34 -11.35 5.05 -5.19
C THR A 34 -11.56 5.70 -3.82
N MET A 35 -10.59 6.47 -3.36
CA MET A 35 -10.67 7.01 -2.01
C MET A 35 -11.66 8.16 -1.95
N THR A 36 -12.23 8.37 -0.78
CA THR A 36 -13.22 9.40 -0.59
C THR A 36 -12.63 10.56 0.20
N PRO A 37 -13.30 11.72 0.19
CA PRO A 37 -12.85 12.90 0.93
C PRO A 37 -12.76 12.64 2.42
N THR A 38 -13.48 11.63 2.87
CA THR A 38 -13.46 11.23 4.27
C THR A 38 -12.29 10.28 4.55
N GLY A 39 -11.77 9.61 3.53
CA GLY A 39 -10.65 8.74 3.73
C GLY A 39 -10.72 7.46 2.93
N ILE A 40 -10.25 6.39 3.53
CA ILE A 40 -10.06 5.12 2.87
C ILE A 40 -11.39 4.49 2.42
N ASP A 41 -11.45 4.06 1.18
CA ASP A 41 -12.64 3.42 0.63
C ASP A 41 -12.24 2.34 -0.37
N THR A 42 -12.14 1.11 0.10
CA THR A 42 -11.79 -0.03 -0.75
C THR A 42 -12.88 -0.33 -1.81
N ALA A 43 -14.09 0.17 -1.57
CA ALA A 43 -15.27 -0.22 -2.35
C ALA A 43 -15.09 -0.04 -3.87
N LYS A 44 -14.51 1.07 -4.28
CA LYS A 44 -14.32 1.33 -5.71
C LYS A 44 -13.05 0.65 -6.21
N LEU A 45 -12.12 0.42 -5.31
CA LEU A 45 -10.82 -0.16 -5.65
C LEU A 45 -11.00 -1.54 -6.25
N TYR A 46 -11.90 -2.34 -5.66
CA TYR A 46 -12.12 -3.70 -6.13
C TYR A 46 -12.35 -3.73 -7.64
N PRO A 47 -13.45 -3.13 -8.16
CA PRO A 47 -13.75 -3.17 -9.59
C PRO A 47 -12.62 -2.62 -10.46
N ILE A 48 -12.05 -1.48 -10.08
CA ILE A 48 -11.03 -0.86 -10.91
C ILE A 48 -9.75 -1.69 -10.94
N LEU A 49 -9.17 -1.96 -9.78
CA LEU A 49 -7.98 -2.80 -9.72
C LEU A 49 -8.18 -4.19 -10.31
N MET A 50 -9.31 -4.84 -10.06
CA MET A 50 -9.52 -6.17 -10.63
C MET A 50 -9.58 -6.06 -12.15
N SER A 51 -10.05 -4.91 -12.64
CA SER A 51 -10.09 -4.65 -14.06
C SER A 51 -8.69 -4.31 -14.59
N SER A 52 -7.80 -3.99 -13.66
CA SER A 52 -6.40 -3.76 -13.99
C SER A 52 -5.67 -5.10 -14.07
N GLY A 53 -6.44 -6.18 -14.04
CA GLY A 53 -5.88 -7.51 -14.17
C GLY A 53 -5.54 -8.14 -12.83
N LEU A 54 -6.08 -7.58 -11.75
CA LEU A 54 -5.76 -8.05 -10.43
C LEU A 54 -6.90 -8.85 -9.81
N PRO A 55 -6.56 -9.84 -8.98
CA PRO A 55 -7.53 -10.74 -8.38
C PRO A 55 -8.28 -10.08 -7.23
N ARG A 56 -9.61 -10.17 -7.24
CA ARG A 56 -10.41 -9.63 -6.15
C ARG A 56 -10.05 -10.31 -4.84
N GLU A 57 -9.41 -11.47 -4.96
CA GLU A 57 -8.90 -12.20 -3.83
C GLU A 57 -7.72 -11.46 -3.21
N THR A 58 -6.66 -11.24 -3.99
CA THR A 58 -5.47 -10.56 -3.48
C THR A 58 -5.74 -9.09 -3.21
N LEU A 59 -6.57 -8.45 -4.03
CA LEU A 59 -6.96 -7.06 -3.76
C LEU A 59 -7.55 -6.92 -2.34
N GLY A 60 -8.46 -7.83 -1.97
CA GLY A 60 -8.99 -7.84 -0.61
C GLY A 60 -7.92 -8.05 0.44
N GLN A 61 -6.95 -8.91 0.13
CA GLN A 61 -5.88 -9.21 1.06
C GLN A 61 -5.02 -7.98 1.25
N ILE A 62 -4.77 -7.28 0.16
CA ILE A 62 -3.98 -6.07 0.17
C ILE A 62 -4.55 -5.03 1.13
N TRP A 63 -5.88 -4.84 1.18
CA TRP A 63 -6.45 -3.92 2.16
C TRP A 63 -6.28 -4.48 3.56
N ALA A 64 -6.33 -5.80 3.62
CA ALA A 64 -6.42 -6.52 4.88
C ALA A 64 -5.07 -6.59 5.59
N LEU A 65 -4.01 -6.28 4.86
CA LEU A 65 -2.67 -6.26 5.42
C LEU A 65 -2.37 -4.92 6.09
N ALA A 66 -3.11 -4.61 7.13
CA ALA A 66 -2.90 -3.40 7.90
C ALA A 66 -1.83 -3.63 8.97
N ASN A 67 -0.96 -2.66 9.15
CA ASN A 67 0.13 -2.77 10.12
C ASN A 67 -0.38 -2.51 11.53
N ARG A 68 -1.59 -1.97 11.62
CA ARG A 68 -2.17 -1.58 12.90
C ARG A 68 -3.68 -1.80 12.90
N THR A 69 -4.23 -2.14 14.06
CA THR A 69 -5.67 -2.21 14.22
C THR A 69 -6.20 -0.91 14.82
N THR A 70 -6.04 0.16 14.07
CA THR A 70 -6.38 1.49 14.53
C THR A 70 -7.88 1.74 14.46
N PRO A 71 -8.39 2.65 15.33
CA PRO A 71 -9.78 3.10 15.29
C PRO A 71 -10.11 3.72 13.93
N GLY A 72 -9.09 4.32 13.32
CA GLY A 72 -9.20 4.77 11.95
C GLY A 72 -8.95 3.63 11.00
N LYS A 73 -9.92 3.34 10.15
CA LYS A 73 -9.85 2.20 9.27
C LYS A 73 -8.82 2.40 8.18
N LEU A 74 -7.66 1.74 8.35
CA LEU A 74 -6.53 1.87 7.43
C LEU A 74 -5.91 3.26 7.51
N THR A 75 -4.78 3.37 8.17
CA THR A 75 -4.07 4.64 8.26
C THR A 75 -3.35 4.92 6.92
N LYS A 76 -3.02 6.18 6.66
CA LYS A 76 -2.32 6.51 5.42
C LYS A 76 -1.08 5.64 5.20
N GLU A 77 -0.32 5.34 6.27
CA GLU A 77 0.80 4.37 6.17
C GLU A 77 0.31 3.03 5.62
N GLU A 78 -0.81 2.55 6.16
CA GLU A 78 -1.40 1.29 5.70
C GLU A 78 -1.86 1.41 4.26
N LEU A 79 -2.29 2.61 3.87
CA LEU A 79 -2.77 2.85 2.52
C LEU A 79 -1.58 2.85 1.55
N TYR A 80 -0.45 3.38 2.02
CA TYR A 80 0.77 3.35 1.23
C TYR A 80 1.22 1.90 1.06
N THR A 81 1.08 1.14 2.14
CA THR A 81 1.37 -0.29 2.11
C THR A 81 0.51 -0.97 1.04
N VAL A 82 -0.71 -0.46 0.89
CA VAL A 82 -1.64 -0.96 -0.09
C VAL A 82 -1.19 -0.57 -1.50
N LEU A 83 -0.98 0.73 -1.70
CA LEU A 83 -0.52 1.28 -2.98
C LEU A 83 0.69 0.53 -3.50
N ALA A 84 1.63 0.27 -2.62
CA ALA A 84 2.85 -0.42 -2.99
C ALA A 84 2.58 -1.86 -3.36
N MET A 85 1.68 -2.51 -2.63
CA MET A 85 1.37 -3.91 -2.90
C MET A 85 0.63 -4.08 -4.22
N ILE A 86 -0.15 -3.08 -4.61
CA ILE A 86 -0.80 -3.10 -5.92
C ILE A 86 0.27 -3.01 -7.00
N ALA A 87 1.22 -2.09 -6.80
CA ALA A 87 2.30 -1.87 -7.74
C ALA A 87 3.11 -3.13 -7.96
N VAL A 88 3.53 -3.77 -6.88
CA VAL A 88 4.32 -4.99 -6.95
C VAL A 88 3.55 -6.11 -7.64
N THR A 89 2.26 -6.20 -7.33
CA THR A 89 1.41 -7.22 -7.89
C THR A 89 1.28 -6.99 -9.40
N GLN A 90 1.00 -5.74 -9.76
CA GLN A 90 0.95 -5.33 -11.16
C GLN A 90 2.27 -5.59 -11.90
N ARG A 91 3.39 -5.48 -11.19
CA ARG A 91 4.70 -5.68 -11.81
C ARG A 91 4.99 -7.14 -12.09
N GLY A 92 4.01 -7.99 -11.79
CA GLY A 92 4.17 -9.42 -12.03
C GLY A 92 4.89 -10.09 -10.89
N VAL A 93 5.13 -9.34 -9.83
CA VAL A 93 5.79 -9.84 -8.65
C VAL A 93 4.76 -10.27 -7.61
N PRO A 94 4.71 -11.57 -7.31
CA PRO A 94 3.73 -12.12 -6.37
C PRO A 94 4.01 -11.66 -4.94
N ALA A 95 2.95 -11.40 -4.19
CA ALA A 95 3.08 -10.97 -2.82
C ALA A 95 3.04 -12.18 -1.89
N MET A 96 4.18 -12.53 -1.34
CA MET A 96 4.28 -13.65 -0.42
C MET A 96 4.75 -13.17 0.94
N SER A 97 5.68 -12.23 0.92
CA SER A 97 6.25 -11.68 2.14
C SER A 97 6.83 -10.30 1.85
N PRO A 98 7.11 -9.49 2.91
CA PRO A 98 7.65 -8.13 2.75
C PRO A 98 9.05 -8.10 2.15
N ASP A 99 9.61 -9.29 1.89
CA ASP A 99 10.93 -9.42 1.29
C ASP A 99 10.98 -8.74 -0.09
N ALA A 100 9.84 -8.68 -0.78
CA ALA A 100 9.81 -8.06 -2.09
C ALA A 100 9.87 -6.53 -1.96
N LEU A 101 9.36 -6.02 -0.86
CA LEU A 101 9.45 -4.59 -0.57
C LEU A 101 10.87 -4.25 -0.14
N ASN A 102 11.50 -5.26 0.46
CA ASN A 102 12.87 -5.18 0.94
C ASN A 102 13.83 -4.91 -0.21
N GLN A 103 13.44 -5.32 -1.42
CA GLN A 103 14.31 -5.23 -2.57
C GLN A 103 14.15 -3.90 -3.32
N PHE A 104 13.08 -3.18 -3.04
CA PHE A 104 12.84 -1.93 -3.73
C PHE A 104 13.33 -0.75 -2.90
N PRO A 105 14.37 -0.07 -3.39
CA PRO A 105 14.89 1.17 -2.80
C PRO A 105 13.82 2.23 -2.59
N ALA A 106 12.93 2.28 -3.54
CA ALA A 106 11.80 3.20 -3.52
C ALA A 106 10.53 2.48 -3.90
N ALA A 107 9.40 2.98 -3.42
CA ALA A 107 8.12 2.33 -3.63
C ALA A 107 7.52 2.73 -4.98
N PRO A 108 7.18 1.73 -5.79
CA PRO A 108 6.52 1.95 -7.09
C PRO A 108 5.11 2.50 -6.94
N ILE A 109 4.75 3.45 -7.80
CA ILE A 109 3.38 3.93 -7.87
C ILE A 109 2.60 3.04 -8.81
N PRO A 110 1.46 2.50 -8.35
CA PRO A 110 0.61 1.60 -9.13
C PRO A 110 0.18 2.23 -10.45
N THR A 111 0.06 1.41 -11.48
CA THR A 111 -0.31 1.90 -12.79
C THR A 111 -1.81 1.75 -13.01
N LEU A 112 -2.46 2.87 -13.30
CA LEU A 112 -3.90 2.91 -13.48
C LEU A 112 -4.25 3.93 -14.55
N SER A 1 19.87 -5.35 5.71
CA SER A 1 18.53 -4.72 5.77
C SER A 1 18.33 -4.02 7.11
N MET A 2 18.21 -4.81 8.18
CA MET A 2 17.97 -4.29 9.51
C MET A 2 18.55 -5.21 10.57
N PHE A 3 18.93 -4.65 11.70
CA PHE A 3 19.45 -5.42 12.82
C PHE A 3 18.31 -5.93 13.68
N PRO A 4 18.54 -7.03 14.42
CA PRO A 4 17.49 -7.71 15.16
C PRO A 4 16.93 -6.84 16.27
N SER A 5 15.62 -6.66 16.23
CA SER A 5 14.91 -5.83 17.18
C SER A 5 13.43 -6.18 17.20
N GLN A 6 12.95 -6.62 18.36
CA GLN A 6 11.55 -7.03 18.50
C GLN A 6 10.79 -6.04 19.38
N ASP A 7 11.07 -4.77 19.18
CA ASP A 7 10.45 -3.71 19.96
C ASP A 7 9.35 -3.04 19.15
N PRO A 8 8.14 -2.92 19.73
CA PRO A 8 6.99 -2.31 19.05
C PRO A 8 7.08 -0.79 19.02
N ALA A 9 8.27 -0.29 19.32
CA ALA A 9 8.55 1.14 19.25
C ALA A 9 9.72 1.38 18.32
N GLN A 10 10.26 0.27 17.82
CA GLN A 10 11.39 0.30 16.92
C GLN A 10 10.91 0.10 15.49
N PRO A 11 11.20 1.07 14.60
CA PRO A 11 10.76 1.03 13.22
C PRO A 11 11.19 -0.24 12.48
N ARG A 12 10.27 -0.79 11.71
CA ARG A 12 10.55 -1.98 10.90
C ARG A 12 10.22 -1.69 9.45
N MET A 13 9.38 -0.69 9.26
CA MET A 13 8.80 -0.39 7.97
C MET A 13 9.82 0.25 7.04
N PRO A 14 9.75 -0.08 5.74
CA PRO A 14 10.61 0.52 4.71
C PRO A 14 10.42 2.03 4.62
N PRO A 15 11.49 2.75 4.20
CA PRO A 15 11.54 4.22 4.22
C PRO A 15 10.29 4.91 3.71
N TRP A 16 9.79 4.43 2.59
CA TRP A 16 8.70 5.08 1.87
C TRP A 16 7.34 4.97 2.56
N ILE A 17 7.20 4.10 3.55
CA ILE A 17 5.92 3.96 4.25
C ILE A 17 5.66 5.19 5.11
N TYR A 18 6.70 5.69 5.75
CA TYR A 18 6.60 6.89 6.57
C TYR A 18 7.42 8.00 5.94
N ASN A 19 7.52 7.95 4.61
CA ASN A 19 8.39 8.86 3.86
C ASN A 19 8.04 10.32 4.10
N GLU A 20 9.08 11.14 4.22
CA GLU A 20 8.97 12.57 4.51
C GLU A 20 8.42 13.37 3.32
N SER A 21 8.08 12.66 2.24
CA SER A 21 7.77 13.32 0.97
C SER A 21 6.29 13.71 0.91
N LEU A 22 5.58 13.51 2.02
CA LEU A 22 4.14 13.71 2.10
C LEU A 22 3.40 12.71 1.22
N VAL A 23 2.19 13.06 0.81
CA VAL A 23 1.35 12.14 0.06
C VAL A 23 1.89 11.88 -1.36
N PRO A 24 2.08 10.60 -1.70
CA PRO A 24 2.57 10.18 -3.02
C PRO A 24 1.53 10.35 -4.11
N ASP A 25 1.99 10.42 -5.37
CA ASP A 25 1.11 10.47 -6.53
C ASP A 25 0.11 9.32 -6.50
N ALA A 26 0.54 8.20 -5.94
CA ALA A 26 -0.29 7.01 -5.83
C ALA A 26 -1.50 7.26 -4.93
N TYR A 27 -1.30 8.06 -3.88
CA TYR A 27 -2.35 8.31 -2.90
C TYR A 27 -3.36 9.32 -3.43
N LYS A 28 -2.86 10.49 -3.84
CA LYS A 28 -3.69 11.50 -4.48
C LYS A 28 -4.48 10.90 -5.67
N LYS A 29 -3.83 10.03 -6.46
CA LYS A 29 -4.52 9.32 -7.53
C LYS A 29 -5.67 8.51 -6.99
N ILE A 30 -5.36 7.71 -5.98
CA ILE A 30 -6.36 6.84 -5.41
C ILE A 30 -7.51 7.66 -4.82
N LEU A 31 -7.20 8.84 -4.27
CA LEU A 31 -8.22 9.77 -3.80
C LEU A 31 -9.22 10.11 -4.88
N GLU A 32 -8.71 10.29 -6.08
CA GLU A 32 -9.52 10.54 -7.23
C GLU A 32 -10.25 9.26 -7.66
N THR A 33 -9.49 8.18 -7.63
CA THR A 33 -9.95 6.85 -8.04
C THR A 33 -11.06 6.28 -7.14
N THR A 34 -10.69 5.84 -5.95
CA THR A 34 -11.58 5.05 -5.12
C THR A 34 -11.79 5.68 -3.74
N MET A 35 -10.99 6.66 -3.38
CA MET A 35 -11.09 7.26 -2.07
C MET A 35 -12.24 8.26 -2.01
N THR A 36 -12.62 8.64 -0.81
CA THR A 36 -13.64 9.63 -0.59
C THR A 36 -13.00 10.89 -0.02
N PRO A 37 -13.75 12.02 0.03
CA PRO A 37 -13.29 13.26 0.66
C PRO A 37 -12.99 13.07 2.15
N THR A 38 -13.42 11.96 2.71
CA THR A 38 -13.27 11.71 4.13
C THR A 38 -12.19 10.66 4.42
N GLY A 39 -11.83 9.86 3.42
CA GLY A 39 -10.78 8.88 3.62
C GLY A 39 -10.85 7.70 2.68
N ILE A 40 -10.30 6.58 3.15
CA ILE A 40 -10.11 5.39 2.34
C ILE A 40 -11.42 4.64 2.08
N ASP A 41 -11.58 4.13 0.87
CA ASP A 41 -12.76 3.32 0.52
C ASP A 41 -12.37 2.24 -0.48
N THR A 42 -12.20 1.02 0.02
CA THR A 42 -11.84 -0.12 -0.82
C THR A 42 -12.95 -0.52 -1.81
N ALA A 43 -14.18 -0.08 -1.54
CA ALA A 43 -15.35 -0.53 -2.31
C ALA A 43 -15.18 -0.34 -3.81
N LYS A 44 -14.59 0.77 -4.21
CA LYS A 44 -14.38 1.05 -5.64
C LYS A 44 -13.06 0.44 -6.10
N LEU A 45 -12.16 0.26 -5.15
CA LEU A 45 -10.81 -0.23 -5.41
C LEU A 45 -10.85 -1.61 -6.07
N TYR A 46 -11.76 -2.47 -5.59
CA TYR A 46 -11.88 -3.82 -6.12
C TYR A 46 -12.09 -3.82 -7.64
N PRO A 47 -13.22 -3.27 -8.16
CA PRO A 47 -13.51 -3.31 -9.58
C PRO A 47 -12.40 -2.70 -10.43
N ILE A 48 -11.89 -1.55 -10.03
CA ILE A 48 -10.89 -0.87 -10.83
C ILE A 48 -9.59 -1.68 -10.91
N LEU A 49 -9.02 -1.99 -9.76
CA LEU A 49 -7.83 -2.83 -9.71
C LEU A 49 -7.99 -4.18 -10.40
N MET A 50 -9.10 -4.88 -10.19
CA MET A 50 -9.26 -6.18 -10.83
C MET A 50 -9.39 -6.00 -12.34
N SER A 51 -9.87 -4.83 -12.74
CA SER A 51 -9.97 -4.48 -14.16
C SER A 51 -8.57 -4.24 -14.70
N SER A 52 -7.66 -3.88 -13.80
CA SER A 52 -6.27 -3.69 -14.14
C SER A 52 -5.55 -5.05 -14.27
N GLY A 53 -6.33 -6.13 -14.27
CA GLY A 53 -5.78 -7.47 -14.43
C GLY A 53 -5.51 -8.16 -13.10
N LEU A 54 -5.84 -7.50 -12.00
CA LEU A 54 -5.50 -8.01 -10.69
C LEU A 54 -6.61 -8.85 -10.06
N PRO A 55 -6.24 -9.80 -9.18
CA PRO A 55 -7.17 -10.76 -8.59
C PRO A 55 -8.02 -10.14 -7.49
N ARG A 56 -9.32 -10.42 -7.51
CA ARG A 56 -10.19 -9.97 -6.43
C ARG A 56 -9.74 -10.59 -5.11
N GLU A 57 -9.02 -11.70 -5.22
CA GLU A 57 -8.45 -12.37 -4.06
C GLU A 57 -7.33 -11.52 -3.44
N THR A 58 -6.30 -11.22 -4.23
CA THR A 58 -5.16 -10.45 -3.74
C THR A 58 -5.57 -9.03 -3.39
N LEU A 59 -6.46 -8.46 -4.17
CA LEU A 59 -6.95 -7.11 -3.88
C LEU A 59 -7.55 -7.02 -2.48
N GLY A 60 -8.41 -7.97 -2.10
CA GLY A 60 -8.96 -7.95 -0.75
C GLY A 60 -7.89 -8.16 0.30
N GLN A 61 -6.92 -8.98 -0.03
CA GLN A 61 -5.83 -9.29 0.87
C GLN A 61 -5.01 -8.03 1.11
N ILE A 62 -4.70 -7.36 0.01
CA ILE A 62 -3.91 -6.15 0.05
C ILE A 62 -4.50 -5.08 0.96
N TRP A 63 -5.82 -4.86 0.92
CA TRP A 63 -6.41 -3.86 1.82
C TRP A 63 -6.32 -4.36 3.26
N ALA A 64 -6.40 -5.68 3.38
CA ALA A 64 -6.53 -6.35 4.66
C ALA A 64 -5.18 -6.44 5.36
N LEU A 65 -4.12 -6.21 4.61
CA LEU A 65 -2.76 -6.30 5.14
C LEU A 65 -2.34 -5.00 5.82
N ALA A 66 -3.06 -4.64 6.87
CA ALA A 66 -2.70 -3.51 7.68
C ALA A 66 -1.61 -3.90 8.67
N ASN A 67 -0.72 -2.96 8.97
CA ASN A 67 0.39 -3.23 9.87
C ASN A 67 -0.07 -3.09 11.32
N ARG A 68 -1.19 -2.44 11.49
CA ARG A 68 -1.80 -2.32 12.80
C ARG A 68 -2.81 -3.43 13.00
N THR A 69 -2.39 -4.48 13.70
CA THR A 69 -3.26 -5.62 13.97
C THR A 69 -4.41 -5.23 14.89
N THR A 70 -5.53 -4.93 14.26
CA THR A 70 -6.73 -4.45 14.94
C THR A 70 -7.83 -4.40 13.88
N PRO A 71 -9.12 -4.25 14.25
CA PRO A 71 -10.19 -3.98 13.29
C PRO A 71 -9.74 -3.02 12.19
N GLY A 72 -9.72 -3.53 10.96
CA GLY A 72 -9.10 -2.84 9.82
C GLY A 72 -9.39 -1.36 9.74
N LYS A 73 -8.33 -0.57 9.87
CA LYS A 73 -8.41 0.88 9.75
C LYS A 73 -7.21 1.40 8.98
N LEU A 74 -7.39 1.61 7.68
CA LEU A 74 -6.30 2.02 6.81
C LEU A 74 -6.02 3.51 6.94
N THR A 75 -4.91 3.84 7.59
CA THR A 75 -4.44 5.21 7.68
C THR A 75 -3.55 5.53 6.48
N LYS A 76 -3.07 6.77 6.38
CA LYS A 76 -2.23 7.19 5.26
C LYS A 76 -1.02 6.25 5.06
N GLU A 77 -0.27 5.99 6.12
CA GLU A 77 0.88 5.09 6.04
C GLU A 77 0.45 3.68 5.62
N GLU A 78 -0.67 3.21 6.15
CA GLU A 78 -1.21 1.90 5.77
C GLU A 78 -1.59 1.90 4.29
N LEU A 79 -1.97 3.07 3.79
CA LEU A 79 -2.37 3.21 2.40
C LEU A 79 -1.13 3.21 1.50
N TYR A 80 0.04 3.47 2.06
CA TYR A 80 1.26 3.30 1.28
C TYR A 80 1.54 1.81 1.14
N THR A 81 1.23 1.07 2.20
CA THR A 81 1.38 -0.37 2.20
C THR A 81 0.49 -1.02 1.12
N VAL A 82 -0.73 -0.51 0.97
CA VAL A 82 -1.65 -1.07 -0.02
C VAL A 82 -1.23 -0.66 -1.43
N LEU A 83 -0.90 0.61 -1.59
CA LEU A 83 -0.46 1.16 -2.87
C LEU A 83 0.74 0.40 -3.41
N ALA A 84 1.71 0.15 -2.55
CA ALA A 84 2.93 -0.51 -2.96
C ALA A 84 2.68 -1.96 -3.32
N MET A 85 1.80 -2.61 -2.57
CA MET A 85 1.50 -4.02 -2.82
C MET A 85 0.72 -4.18 -4.11
N ILE A 86 -0.07 -3.17 -4.44
CA ILE A 86 -0.78 -3.15 -5.71
C ILE A 86 0.22 -3.02 -6.85
N ALA A 87 1.13 -2.07 -6.68
CA ALA A 87 2.15 -1.80 -7.68
C ALA A 87 3.01 -3.02 -7.97
N VAL A 88 3.52 -3.66 -6.92
CA VAL A 88 4.38 -4.82 -7.08
C VAL A 88 3.63 -6.01 -7.68
N THR A 89 2.34 -6.10 -7.40
CA THR A 89 1.53 -7.18 -7.93
C THR A 89 1.30 -6.97 -9.43
N GLN A 90 1.02 -5.72 -9.80
CA GLN A 90 0.97 -5.32 -11.21
C GLN A 90 2.27 -5.64 -11.93
N ARG A 91 3.38 -5.57 -11.20
CA ARG A 91 4.70 -5.89 -11.75
C ARG A 91 4.88 -7.40 -11.93
N GLY A 92 3.86 -8.15 -11.53
CA GLY A 92 3.90 -9.60 -11.64
C GLY A 92 4.51 -10.25 -10.42
N VAL A 93 4.80 -9.45 -9.41
CA VAL A 93 5.36 -9.95 -8.16
C VAL A 93 4.30 -9.95 -7.07
N PRO A 94 3.79 -11.14 -6.71
CA PRO A 94 2.73 -11.25 -5.70
C PRO A 94 3.20 -10.79 -4.32
N ALA A 95 2.30 -10.16 -3.57
CA ALA A 95 2.63 -9.70 -2.23
C ALA A 95 2.28 -10.78 -1.22
N MET A 96 3.30 -11.41 -0.68
CA MET A 96 3.11 -12.53 0.23
C MET A 96 3.68 -12.23 1.61
N SER A 97 4.65 -11.33 1.67
CA SER A 97 5.32 -11.01 2.91
C SER A 97 5.80 -9.56 2.88
N PRO A 98 6.01 -8.95 4.06
CA PRO A 98 6.61 -7.62 4.16
C PRO A 98 8.04 -7.61 3.63
N ASP A 99 8.67 -8.78 3.69
CA ASP A 99 10.03 -8.96 3.16
C ASP A 99 10.07 -8.74 1.65
N ALA A 100 8.93 -8.92 0.99
CA ALA A 100 8.86 -8.66 -0.45
C ALA A 100 8.93 -7.16 -0.72
N LEU A 101 8.50 -6.36 0.25
CA LEU A 101 8.61 -4.92 0.15
C LEU A 101 10.04 -4.51 0.40
N ASN A 102 10.72 -5.35 1.18
CA ASN A 102 12.11 -5.17 1.56
C ASN A 102 13.03 -5.22 0.34
N GLN A 103 12.57 -5.90 -0.70
CA GLN A 103 13.38 -6.13 -1.90
C GLN A 103 13.35 -4.92 -2.83
N PHE A 104 12.39 -4.05 -2.59
CA PHE A 104 12.27 -2.83 -3.37
C PHE A 104 12.79 -1.64 -2.58
N PRO A 105 13.95 -1.10 -3.00
CA PRO A 105 14.52 0.14 -2.44
C PRO A 105 13.53 1.30 -2.42
N ALA A 106 12.74 1.32 -3.45
CA ALA A 106 11.71 2.33 -3.63
C ALA A 106 10.41 1.68 -4.05
N ALA A 107 9.29 2.32 -3.73
CA ALA A 107 7.99 1.77 -4.06
C ALA A 107 7.44 2.44 -5.30
N PRO A 108 7.16 1.64 -6.35
CA PRO A 108 6.58 2.14 -7.59
C PRO A 108 5.12 2.56 -7.41
N ILE A 109 4.68 3.50 -8.22
CA ILE A 109 3.28 3.93 -8.18
C ILE A 109 2.44 3.03 -9.10
N PRO A 110 1.32 2.51 -8.58
CA PRO A 110 0.42 1.62 -9.33
C PRO A 110 -0.08 2.25 -10.62
N THR A 111 -0.02 1.49 -11.69
CA THR A 111 -0.45 1.95 -12.99
C THR A 111 -1.95 1.73 -13.17
N LEU A 112 -2.67 2.79 -13.48
CA LEU A 112 -4.11 2.72 -13.66
C LEU A 112 -4.55 3.83 -14.61
N SER A 1 12.73 12.99 11.16
CA SER A 1 13.23 11.60 11.32
C SER A 1 12.10 10.62 11.07
N MET A 2 12.44 9.39 10.67
CA MET A 2 11.43 8.38 10.41
C MET A 2 11.22 7.49 11.63
N PHE A 3 10.05 7.61 12.24
CA PHE A 3 9.69 6.77 13.37
C PHE A 3 8.38 6.05 13.08
N PRO A 4 8.22 4.86 13.66
CA PRO A 4 7.13 3.94 13.32
C PRO A 4 5.85 4.25 14.08
N SER A 5 4.76 4.35 13.33
CA SER A 5 3.47 4.64 13.92
C SER A 5 2.80 3.35 14.40
N GLN A 6 2.78 3.18 15.72
CA GLN A 6 2.13 2.03 16.36
C GLN A 6 2.85 0.71 16.10
N ASP A 7 4.07 0.77 15.58
CA ASP A 7 4.87 -0.45 15.39
C ASP A 7 5.82 -0.64 16.56
N PRO A 8 5.45 -1.51 17.51
CA PRO A 8 6.22 -1.72 18.73
C PRO A 8 7.26 -2.83 18.59
N ALA A 9 7.60 -3.14 17.35
CA ALA A 9 8.57 -4.20 17.07
C ALA A 9 9.21 -3.97 15.71
N GLN A 10 9.29 -2.71 15.31
CA GLN A 10 9.82 -2.37 14.00
C GLN A 10 10.78 -1.19 14.07
N PRO A 11 12.09 -1.46 14.01
CA PRO A 11 13.08 -0.40 13.92
C PRO A 11 13.27 0.10 12.50
N ARG A 12 13.15 1.41 12.36
CA ARG A 12 13.27 2.08 11.06
C ARG A 12 12.07 1.73 10.17
N MET A 13 11.67 2.65 9.32
CA MET A 13 10.51 2.39 8.45
C MET A 13 10.94 2.40 6.99
N PRO A 14 10.13 1.78 6.12
CA PRO A 14 10.38 1.77 4.68
C PRO A 14 10.56 3.19 4.13
N PRO A 15 11.62 3.38 3.32
CA PRO A 15 12.07 4.69 2.84
C PRO A 15 11.01 5.53 2.13
N TRP A 16 9.88 4.93 1.79
CA TRP A 16 8.91 5.61 0.94
C TRP A 16 7.57 5.75 1.65
N ILE A 17 7.43 5.11 2.81
CA ILE A 17 6.16 5.11 3.53
C ILE A 17 6.00 6.38 4.33
N TYR A 18 7.07 6.76 5.01
CA TYR A 18 7.00 7.85 5.98
C TYR A 18 7.54 9.16 5.41
N ASN A 19 7.35 9.38 4.12
CA ASN A 19 7.78 10.64 3.53
C ASN A 19 6.65 11.66 3.69
N GLU A 20 6.74 12.47 4.74
CA GLU A 20 5.69 13.39 5.10
C GLU A 20 5.86 14.72 4.33
N SER A 21 6.89 14.77 3.51
CA SER A 21 7.16 15.93 2.67
C SER A 21 5.96 16.26 1.79
N LEU A 22 5.30 15.21 1.30
CA LEU A 22 4.12 15.36 0.46
C LEU A 22 3.38 14.04 0.35
N VAL A 23 2.11 14.10 -0.03
CA VAL A 23 1.36 12.88 -0.30
C VAL A 23 1.66 12.38 -1.71
N PRO A 24 2.09 11.12 -1.82
CA PRO A 24 2.54 10.53 -3.10
C PRO A 24 1.46 10.52 -4.16
N ASP A 25 1.91 10.54 -5.41
CA ASP A 25 1.04 10.55 -6.59
C ASP A 25 0.03 9.42 -6.54
N ALA A 26 0.45 8.29 -6.00
CA ALA A 26 -0.40 7.12 -5.90
C ALA A 26 -1.58 7.38 -4.96
N TYR A 27 -1.32 8.03 -3.84
CA TYR A 27 -2.35 8.25 -2.83
C TYR A 27 -3.35 9.29 -3.31
N LYS A 28 -2.85 10.48 -3.66
CA LYS A 28 -3.69 11.51 -4.26
C LYS A 28 -4.47 11.01 -5.48
N LYS A 29 -3.85 10.14 -6.29
CA LYS A 29 -4.58 9.51 -7.40
C LYS A 29 -5.77 8.75 -6.88
N ILE A 30 -5.50 7.89 -5.93
CA ILE A 30 -6.50 7.00 -5.41
C ILE A 30 -7.64 7.80 -4.74
N LEU A 31 -7.29 8.97 -4.15
CA LEU A 31 -8.30 9.92 -3.67
C LEU A 31 -9.27 10.32 -4.76
N GLU A 32 -8.75 10.54 -5.95
CA GLU A 32 -9.56 10.86 -7.09
C GLU A 32 -10.33 9.62 -7.56
N THR A 33 -9.60 8.53 -7.61
CA THR A 33 -10.10 7.25 -8.08
C THR A 33 -11.24 6.68 -7.22
N THR A 34 -10.89 6.15 -6.04
CA THR A 34 -11.84 5.37 -5.25
C THR A 34 -11.97 5.88 -3.80
N MET A 35 -11.09 6.80 -3.40
CA MET A 35 -11.09 7.27 -2.04
C MET A 35 -12.22 8.26 -1.79
N THR A 36 -12.49 8.51 -0.53
CA THR A 36 -13.47 9.50 -0.13
C THR A 36 -12.81 10.52 0.79
N PRO A 37 -13.35 11.75 0.85
CA PRO A 37 -12.80 12.82 1.69
C PRO A 37 -12.74 12.43 3.17
N THR A 38 -13.53 11.45 3.54
CA THR A 38 -13.62 11.03 4.92
C THR A 38 -12.72 9.83 5.22
N GLY A 39 -12.15 9.24 4.17
CA GLY A 39 -11.16 8.19 4.38
C GLY A 39 -11.28 7.03 3.42
N ILE A 40 -10.63 5.93 3.78
CA ILE A 40 -10.40 4.81 2.86
C ILE A 40 -11.70 4.13 2.45
N ASP A 41 -11.80 3.83 1.16
CA ASP A 41 -12.98 3.16 0.60
C ASP A 41 -12.57 2.22 -0.53
N THR A 42 -12.18 1.02 -0.16
CA THR A 42 -11.73 0.01 -1.12
C THR A 42 -12.83 -0.46 -2.06
N ALA A 43 -14.09 -0.21 -1.68
CA ALA A 43 -15.25 -0.75 -2.40
C ALA A 43 -15.21 -0.48 -3.90
N LYS A 44 -14.71 0.67 -4.28
CA LYS A 44 -14.64 1.04 -5.70
C LYS A 44 -13.36 0.51 -6.32
N LEU A 45 -12.31 0.42 -5.53
CA LEU A 45 -11.01 0.04 -6.04
C LEU A 45 -10.97 -1.43 -6.43
N TYR A 46 -11.85 -2.24 -5.86
CA TYR A 46 -11.93 -3.64 -6.23
C TYR A 46 -12.13 -3.77 -7.76
N PRO A 47 -13.25 -3.27 -8.33
CA PRO A 47 -13.47 -3.31 -9.78
C PRO A 47 -12.35 -2.63 -10.56
N ILE A 48 -11.91 -1.44 -10.11
CA ILE A 48 -10.91 -0.71 -10.86
C ILE A 48 -9.60 -1.49 -10.93
N LEU A 49 -9.03 -1.84 -9.79
CA LEU A 49 -7.84 -2.71 -9.78
C LEU A 49 -8.05 -4.02 -10.52
N MET A 50 -9.17 -4.71 -10.31
CA MET A 50 -9.35 -5.99 -10.97
C MET A 50 -9.46 -5.79 -12.48
N SER A 51 -9.92 -4.59 -12.90
CA SER A 51 -9.98 -4.23 -14.31
C SER A 51 -8.56 -3.99 -14.84
N SER A 52 -7.65 -3.70 -13.93
CA SER A 52 -6.24 -3.58 -14.25
C SER A 52 -5.55 -4.95 -14.20
N GLY A 53 -6.36 -6.01 -14.21
CA GLY A 53 -5.84 -7.36 -14.29
C GLY A 53 -5.42 -7.91 -12.95
N LEU A 54 -6.05 -7.44 -11.88
CA LEU A 54 -5.67 -7.87 -10.56
C LEU A 54 -6.78 -8.70 -9.87
N PRO A 55 -6.40 -9.64 -8.98
CA PRO A 55 -7.33 -10.58 -8.35
C PRO A 55 -8.14 -9.92 -7.24
N ARG A 56 -9.46 -10.12 -7.25
CA ARG A 56 -10.31 -9.64 -6.17
C ARG A 56 -9.91 -10.34 -4.88
N GLU A 57 -9.21 -11.46 -5.05
CA GLU A 57 -8.66 -12.21 -3.95
C GLU A 57 -7.50 -11.47 -3.33
N THR A 58 -6.47 -11.19 -4.12
CA THR A 58 -5.30 -10.47 -3.65
C THR A 58 -5.64 -9.04 -3.22
N LEU A 59 -6.49 -8.37 -3.98
CA LEU A 59 -6.91 -7.01 -3.64
C LEU A 59 -7.51 -6.96 -2.24
N GLY A 60 -8.38 -7.92 -1.93
CA GLY A 60 -8.95 -8.01 -0.60
C GLY A 60 -7.90 -8.22 0.48
N GLN A 61 -6.94 -9.08 0.19
CA GLN A 61 -5.89 -9.39 1.14
C GLN A 61 -5.02 -8.17 1.35
N ILE A 62 -4.68 -7.51 0.26
CA ILE A 62 -3.85 -6.33 0.28
C ILE A 62 -4.41 -5.24 1.20
N TRP A 63 -5.73 -5.04 1.23
CA TRP A 63 -6.32 -4.10 2.19
C TRP A 63 -6.16 -4.64 3.60
N ALA A 64 -6.19 -5.96 3.69
CA ALA A 64 -6.25 -6.65 4.97
C ALA A 64 -4.86 -6.80 5.59
N LEU A 65 -3.83 -6.60 4.78
CA LEU A 65 -2.44 -6.62 5.26
C LEU A 65 -2.08 -5.30 5.92
N ALA A 66 -2.43 -5.16 7.18
CA ALA A 66 -2.14 -3.92 7.89
C ALA A 66 -1.71 -4.21 9.33
N ASN A 67 -1.20 -3.19 10.00
CA ASN A 67 -0.72 -3.32 11.37
C ASN A 67 -1.23 -2.16 12.23
N ARG A 68 -0.86 -0.94 11.86
CA ARG A 68 -1.23 0.25 12.62
C ARG A 68 -2.60 0.75 12.22
N THR A 69 -3.60 -0.10 12.45
CA THR A 69 -4.97 0.20 12.13
C THR A 69 -5.84 0.11 13.39
N THR A 70 -5.81 1.15 14.20
CA THR A 70 -6.61 1.20 15.41
C THR A 70 -7.52 2.43 15.43
N PRO A 71 -6.97 3.66 15.35
CA PRO A 71 -7.78 4.88 15.33
C PRO A 71 -8.51 5.05 14.01
N GLY A 72 -7.89 4.60 12.93
CA GLY A 72 -8.48 4.68 11.62
C GLY A 72 -8.25 3.41 10.83
N LYS A 73 -9.17 3.11 9.92
CA LYS A 73 -9.05 1.91 9.11
C LYS A 73 -8.19 2.19 7.90
N LEU A 74 -7.06 1.49 7.81
CA LEU A 74 -6.08 1.72 6.76
C LEU A 74 -5.56 3.14 6.81
N THR A 75 -4.76 3.43 7.82
CA THR A 75 -4.18 4.75 7.98
C THR A 75 -3.33 5.13 6.76
N LYS A 76 -2.99 6.41 6.63
CA LYS A 76 -2.29 6.91 5.45
C LYS A 76 -1.08 6.05 5.07
N GLU A 77 -0.21 5.77 6.05
CA GLU A 77 0.96 4.93 5.83
C GLU A 77 0.57 3.52 5.39
N GLU A 78 -0.56 3.04 5.89
CA GLU A 78 -1.08 1.73 5.49
C GLU A 78 -1.53 1.79 4.04
N LEU A 79 -2.01 2.95 3.62
CA LEU A 79 -2.49 3.12 2.27
C LEU A 79 -1.32 3.15 1.29
N TYR A 80 -0.16 3.60 1.75
CA TYR A 80 1.02 3.49 0.90
C TYR A 80 1.41 2.02 0.78
N THR A 81 1.21 1.28 1.87
CA THR A 81 1.47 -0.15 1.89
C THR A 81 0.58 -0.89 0.90
N VAL A 82 -0.69 -0.49 0.83
CA VAL A 82 -1.64 -1.13 -0.08
C VAL A 82 -1.24 -0.82 -1.52
N LEU A 83 -0.93 0.45 -1.73
CA LEU A 83 -0.51 0.96 -3.04
C LEU A 83 0.72 0.23 -3.53
N ALA A 84 1.69 0.08 -2.65
CA ALA A 84 2.96 -0.54 -3.02
C ALA A 84 2.79 -2.02 -3.29
N MET A 85 1.95 -2.70 -2.51
CA MET A 85 1.73 -4.13 -2.72
C MET A 85 0.97 -4.36 -4.01
N ILE A 86 0.08 -3.44 -4.34
CA ILE A 86 -0.65 -3.52 -5.59
C ILE A 86 0.32 -3.35 -6.76
N ALA A 87 1.16 -2.33 -6.63
CA ALA A 87 2.16 -2.01 -7.63
C ALA A 87 3.07 -3.22 -7.90
N VAL A 88 3.60 -3.83 -6.84
CA VAL A 88 4.48 -4.98 -7.00
C VAL A 88 3.72 -6.21 -7.52
N THR A 89 2.44 -6.32 -7.18
CA THR A 89 1.61 -7.43 -7.67
C THR A 89 1.48 -7.34 -9.18
N GLN A 90 1.21 -6.13 -9.66
CA GLN A 90 1.18 -5.85 -11.09
C GLN A 90 2.49 -6.23 -11.76
N ARG A 91 3.58 -6.13 -11.01
CA ARG A 91 4.91 -6.49 -11.52
C ARG A 91 5.08 -8.01 -11.59
N GLY A 92 4.07 -8.74 -11.12
CA GLY A 92 4.15 -10.19 -11.10
C GLY A 92 4.77 -10.71 -9.82
N VAL A 93 4.92 -9.83 -8.84
CA VAL A 93 5.44 -10.20 -7.53
C VAL A 93 4.35 -10.13 -6.48
N PRO A 94 3.85 -11.29 -6.02
CA PRO A 94 2.75 -11.34 -5.04
C PRO A 94 3.17 -10.82 -3.67
N ALA A 95 2.26 -10.11 -3.01
CA ALA A 95 2.54 -9.57 -1.70
C ALA A 95 2.05 -10.50 -0.60
N MET A 96 2.99 -11.15 0.05
CA MET A 96 2.66 -12.09 1.13
C MET A 96 3.27 -11.65 2.46
N SER A 97 4.34 -10.87 2.38
CA SER A 97 5.08 -10.47 3.56
C SER A 97 5.85 -9.17 3.29
N PRO A 98 5.91 -8.27 4.29
CA PRO A 98 6.54 -6.95 4.16
C PRO A 98 8.07 -7.00 3.99
N ASP A 99 8.67 -8.14 4.28
CA ASP A 99 10.12 -8.29 4.13
C ASP A 99 10.50 -8.15 2.65
N ALA A 100 9.60 -8.58 1.77
CA ALA A 100 9.80 -8.43 0.33
C ALA A 100 9.73 -6.97 -0.09
N LEU A 101 9.08 -6.15 0.73
CA LEU A 101 8.93 -4.74 0.43
C LEU A 101 10.26 -4.03 0.64
N ASN A 102 11.04 -4.57 1.56
CA ASN A 102 12.33 -4.05 1.93
C ASN A 102 13.31 -4.15 0.77
N GLN A 103 13.07 -5.11 -0.12
CA GLN A 103 14.02 -5.44 -1.18
C GLN A 103 13.87 -4.47 -2.35
N PHE A 104 12.77 -3.77 -2.37
CA PHE A 104 12.55 -2.72 -3.36
C PHE A 104 13.07 -1.39 -2.84
N PRO A 105 14.16 -0.88 -3.44
CA PRO A 105 14.73 0.43 -3.10
C PRO A 105 13.71 1.55 -3.12
N ALA A 106 12.82 1.45 -4.09
CA ALA A 106 11.74 2.40 -4.26
C ALA A 106 10.45 1.66 -4.56
N ALA A 107 9.35 2.14 -4.00
CA ALA A 107 8.04 1.52 -4.23
C ALA A 107 7.35 2.14 -5.44
N PRO A 108 6.93 1.29 -6.39
CA PRO A 108 6.20 1.73 -7.58
C PRO A 108 4.84 2.36 -7.27
N ILE A 109 4.38 3.23 -8.17
CA ILE A 109 3.02 3.72 -8.12
C ILE A 109 2.15 2.82 -8.99
N PRO A 110 1.06 2.28 -8.43
CA PRO A 110 0.18 1.35 -9.13
C PRO A 110 -0.34 1.91 -10.46
N THR A 111 -0.30 1.07 -11.48
CA THR A 111 -0.78 1.45 -12.80
C THR A 111 -2.28 1.19 -12.92
N LEU A 112 -3.02 2.21 -13.34
CA LEU A 112 -4.46 2.09 -13.51
C LEU A 112 -4.87 2.54 -14.91
N SER A 1 21.05 7.69 10.15
CA SER A 1 20.60 6.49 9.40
C SER A 1 20.25 5.36 10.37
N MET A 2 19.51 4.37 9.88
CA MET A 2 19.14 3.22 10.70
C MET A 2 19.56 1.94 10.02
N PHE A 3 19.58 0.85 10.76
CA PHE A 3 19.95 -0.45 10.22
C PHE A 3 18.74 -1.07 9.54
N PRO A 4 18.99 -1.98 8.58
CA PRO A 4 17.98 -2.61 7.76
C PRO A 4 17.45 -3.90 8.37
N SER A 5 16.23 -4.27 8.01
CA SER A 5 15.63 -5.49 8.53
C SER A 5 16.23 -6.72 7.85
N GLN A 6 17.11 -7.39 8.57
CA GLN A 6 17.73 -8.63 8.11
C GLN A 6 16.96 -9.82 8.68
N ASP A 7 15.76 -9.54 9.14
CA ASP A 7 14.89 -10.55 9.74
C ASP A 7 13.48 -10.41 9.16
N PRO A 8 12.93 -11.50 8.60
CA PRO A 8 11.62 -11.49 7.94
C PRO A 8 10.44 -11.44 8.91
N ALA A 9 10.72 -11.06 10.14
CA ALA A 9 9.68 -10.89 11.14
C ALA A 9 10.01 -9.69 12.03
N GLN A 10 10.95 -8.88 11.58
CA GLN A 10 11.37 -7.70 12.33
C GLN A 10 10.67 -6.45 11.80
N PRO A 11 9.76 -5.88 12.60
CA PRO A 11 9.04 -4.66 12.24
C PRO A 11 9.97 -3.52 11.85
N ARG A 12 9.63 -2.83 10.77
CA ARG A 12 10.41 -1.70 10.27
C ARG A 12 9.49 -0.71 9.60
N MET A 13 9.85 0.57 9.67
CA MET A 13 9.09 1.61 9.00
C MET A 13 9.87 2.11 7.79
N PRO A 14 9.56 1.56 6.61
CA PRO A 14 10.31 1.84 5.37
C PRO A 14 10.22 3.30 4.97
N PRO A 15 11.33 3.88 4.47
CA PRO A 15 11.44 5.32 4.19
C PRO A 15 10.23 5.90 3.48
N TRP A 16 9.80 5.20 2.45
CA TRP A 16 8.70 5.63 1.61
C TRP A 16 7.33 5.55 2.29
N ILE A 17 7.16 4.62 3.23
CA ILE A 17 5.91 4.54 3.98
C ILE A 17 5.71 5.81 4.79
N TYR A 18 6.81 6.29 5.35
CA TYR A 18 6.81 7.55 6.10
C TYR A 18 7.47 8.65 5.28
N ASN A 19 7.31 8.57 3.96
CA ASN A 19 7.90 9.54 3.03
C ASN A 19 7.66 10.99 3.46
N GLU A 20 8.63 11.83 3.15
CA GLU A 20 8.64 13.22 3.58
C GLU A 20 7.66 14.04 2.75
N SER A 21 7.26 13.49 1.61
CA SER A 21 6.28 14.12 0.75
C SER A 21 4.87 14.01 1.35
N LEU A 22 4.80 13.38 2.54
CA LEU A 22 3.56 13.17 3.27
C LEU A 22 2.59 12.27 2.52
N VAL A 23 1.98 12.80 1.47
CA VAL A 23 1.08 12.04 0.64
C VAL A 23 1.68 11.79 -0.74
N PRO A 24 1.79 10.51 -1.14
CA PRO A 24 2.33 10.14 -2.46
C PRO A 24 1.38 10.48 -3.60
N ASP A 25 1.93 10.60 -4.79
CA ASP A 25 1.14 10.74 -6.02
C ASP A 25 0.11 9.63 -6.10
N ALA A 26 0.51 8.44 -5.63
CA ALA A 26 -0.38 7.29 -5.59
C ALA A 26 -1.62 7.56 -4.73
N TYR A 27 -1.42 8.28 -3.63
CA TYR A 27 -2.51 8.51 -2.68
C TYR A 27 -3.51 9.50 -3.26
N LYS A 28 -3.06 10.69 -3.65
CA LYS A 28 -3.91 11.65 -4.33
C LYS A 28 -4.61 11.04 -5.56
N LYS A 29 -3.91 10.17 -6.28
CA LYS A 29 -4.52 9.43 -7.39
C LYS A 29 -5.69 8.63 -6.89
N ILE A 30 -5.42 7.87 -5.85
CA ILE A 30 -6.37 6.94 -5.31
C ILE A 30 -7.59 7.68 -4.73
N LEU A 31 -7.38 8.88 -4.20
CA LEU A 31 -8.50 9.72 -3.78
C LEU A 31 -9.47 9.96 -4.93
N GLU A 32 -8.92 10.40 -6.06
CA GLU A 32 -9.69 10.55 -7.27
C GLU A 32 -10.34 9.23 -7.68
N THR A 33 -9.54 8.19 -7.62
CA THR A 33 -9.92 6.85 -8.04
C THR A 33 -11.03 6.24 -7.19
N THR A 34 -10.72 5.84 -5.98
CA THR A 34 -11.65 5.06 -5.16
C THR A 34 -11.82 5.62 -3.75
N MET A 35 -10.83 6.36 -3.27
CA MET A 35 -10.90 6.84 -1.91
C MET A 35 -11.90 7.99 -1.81
N THR A 36 -12.44 8.18 -0.64
CA THR A 36 -13.48 9.17 -0.44
C THR A 36 -12.98 10.29 0.47
N PRO A 37 -13.71 11.41 0.53
CA PRO A 37 -13.40 12.52 1.45
C PRO A 37 -13.49 12.08 2.91
N THR A 38 -14.00 10.88 3.13
CA THR A 38 -14.14 10.33 4.46
C THR A 38 -13.04 9.32 4.76
N GLY A 39 -12.25 9.00 3.74
CA GLY A 39 -11.08 8.16 3.96
C GLY A 39 -11.02 6.96 3.04
N ILE A 40 -10.41 5.90 3.55
CA ILE A 40 -10.14 4.69 2.79
C ILE A 40 -11.44 4.01 2.37
N ASP A 41 -11.61 3.80 1.06
CA ASP A 41 -12.79 3.14 0.54
C ASP A 41 -12.38 2.13 -0.53
N THR A 42 -12.16 0.89 -0.11
CA THR A 42 -11.76 -0.20 -0.99
C THR A 42 -12.86 -0.58 -2.01
N ALA A 43 -14.10 -0.15 -1.74
CA ALA A 43 -15.26 -0.59 -2.52
C ALA A 43 -15.09 -0.38 -4.03
N LYS A 44 -14.55 0.77 -4.42
CA LYS A 44 -14.34 1.05 -5.85
C LYS A 44 -13.08 0.37 -6.32
N LEU A 45 -12.14 0.21 -5.40
CA LEU A 45 -10.82 -0.32 -5.70
C LEU A 45 -10.94 -1.68 -6.36
N TYR A 46 -11.85 -2.50 -5.84
CA TYR A 46 -12.05 -3.84 -6.38
C TYR A 46 -12.30 -3.80 -7.90
N PRO A 47 -13.44 -3.26 -8.38
CA PRO A 47 -13.77 -3.29 -9.80
C PRO A 47 -12.69 -2.68 -10.68
N ILE A 48 -12.14 -1.54 -10.25
CA ILE A 48 -11.10 -0.90 -11.03
C ILE A 48 -9.85 -1.79 -11.10
N LEU A 49 -9.33 -2.19 -9.95
CA LEU A 49 -8.21 -3.12 -9.91
C LEU A 49 -8.44 -4.46 -10.62
N MET A 50 -9.63 -5.05 -10.53
CA MET A 50 -9.90 -6.28 -11.30
C MET A 50 -9.73 -6.01 -12.78
N SER A 51 -10.08 -4.80 -13.16
CA SER A 51 -9.96 -4.37 -14.53
C SER A 51 -8.48 -4.25 -14.91
N SER A 52 -7.65 -3.98 -13.91
CA SER A 52 -6.19 -3.98 -14.08
C SER A 52 -5.67 -5.40 -14.25
N GLY A 53 -6.53 -6.39 -14.04
CA GLY A 53 -6.14 -7.78 -14.16
C GLY A 53 -5.73 -8.40 -12.84
N LEU A 54 -5.90 -7.68 -11.74
CA LEU A 54 -5.50 -8.17 -10.45
C LEU A 54 -6.60 -9.03 -9.80
N PRO A 55 -6.22 -9.95 -8.89
CA PRO A 55 -7.14 -10.90 -8.29
C PRO A 55 -8.03 -10.23 -7.27
N ARG A 56 -9.33 -10.49 -7.36
CA ARG A 56 -10.27 -10.00 -6.37
C ARG A 56 -9.80 -10.41 -4.97
N GLU A 57 -9.17 -11.58 -4.90
CA GLU A 57 -8.63 -12.08 -3.65
C GLU A 57 -7.45 -11.25 -3.17
N THR A 58 -6.40 -11.14 -3.98
CA THR A 58 -5.21 -10.41 -3.57
C THR A 58 -5.52 -8.94 -3.30
N LEU A 59 -6.43 -8.36 -4.07
CA LEU A 59 -6.88 -6.98 -3.84
C LEU A 59 -7.38 -6.79 -2.41
N GLY A 60 -8.27 -7.68 -1.98
CA GLY A 60 -8.79 -7.62 -0.62
C GLY A 60 -7.71 -7.85 0.42
N GLN A 61 -6.78 -8.75 0.09
CA GLN A 61 -5.73 -9.11 1.01
C GLN A 61 -4.80 -7.93 1.20
N ILE A 62 -4.47 -7.28 0.10
CA ILE A 62 -3.62 -6.10 0.10
C ILE A 62 -4.18 -5.00 1.00
N TRP A 63 -5.51 -4.81 1.04
CA TRP A 63 -6.09 -3.84 1.97
C TRP A 63 -5.94 -4.32 3.40
N ALA A 64 -5.98 -5.64 3.54
CA ALA A 64 -6.09 -6.28 4.84
C ALA A 64 -4.71 -6.49 5.46
N LEU A 65 -3.66 -6.32 4.66
CA LEU A 65 -2.30 -6.46 5.15
C LEU A 65 -1.87 -5.20 5.91
N ALA A 66 -2.30 -5.12 7.15
CA ALA A 66 -1.92 -4.02 8.02
C ALA A 66 -1.14 -4.55 9.22
N ASN A 67 -0.06 -3.86 9.57
CA ASN A 67 0.77 -4.27 10.71
C ASN A 67 0.14 -3.82 12.02
N ARG A 68 -1.11 -4.22 12.22
CA ARG A 68 -1.83 -3.89 13.44
C ARG A 68 -2.51 -5.15 13.98
N THR A 69 -2.60 -5.27 15.28
CA THR A 69 -3.38 -6.34 15.87
C THR A 69 -4.66 -5.77 16.47
N THR A 70 -5.49 -5.23 15.58
CA THR A 70 -6.69 -4.53 15.99
C THR A 70 -7.59 -4.28 14.77
N PRO A 71 -8.91 -4.35 14.95
CA PRO A 71 -9.87 -4.00 13.90
C PRO A 71 -9.86 -2.50 13.64
N GLY A 72 -8.98 -2.07 12.74
CA GLY A 72 -8.84 -0.65 12.48
C GLY A 72 -8.67 -0.35 11.01
N LYS A 73 -9.12 0.82 10.61
CA LYS A 73 -9.01 1.26 9.23
C LYS A 73 -7.62 1.79 8.92
N LEU A 74 -7.18 1.57 7.69
CA LEU A 74 -5.83 1.89 7.24
C LEU A 74 -5.51 3.37 7.46
N THR A 75 -4.40 3.63 8.15
CA THR A 75 -3.88 4.98 8.25
C THR A 75 -3.10 5.30 6.97
N LYS A 76 -2.83 6.58 6.70
CA LYS A 76 -2.17 6.98 5.46
C LYS A 76 -0.92 6.14 5.16
N GLU A 77 -0.06 5.92 6.18
CA GLU A 77 1.14 5.10 6.00
C GLU A 77 0.78 3.69 5.54
N GLU A 78 -0.23 3.13 6.18
CA GLU A 78 -0.67 1.78 5.87
C GLU A 78 -1.29 1.73 4.48
N LEU A 79 -1.87 2.86 4.07
CA LEU A 79 -2.44 2.98 2.74
C LEU A 79 -1.32 2.97 1.71
N TYR A 80 -0.15 3.45 2.11
CA TYR A 80 1.02 3.39 1.25
C TYR A 80 1.41 1.92 1.04
N THR A 81 1.25 1.13 2.08
CA THR A 81 1.50 -0.30 2.01
C THR A 81 0.57 -0.96 0.98
N VAL A 82 -0.67 -0.47 0.92
CA VAL A 82 -1.65 -1.02 -0.02
C VAL A 82 -1.27 -0.60 -1.45
N LEU A 83 -0.86 0.66 -1.56
CA LEU A 83 -0.48 1.24 -2.85
C LEU A 83 0.73 0.52 -3.44
N ALA A 84 1.70 0.27 -2.60
CA ALA A 84 2.95 -0.34 -3.04
C ALA A 84 2.73 -1.79 -3.43
N MET A 85 1.92 -2.50 -2.66
CA MET A 85 1.68 -3.92 -2.93
C MET A 85 0.86 -4.10 -4.19
N ILE A 86 -0.02 -3.14 -4.49
CA ILE A 86 -0.75 -3.17 -5.75
C ILE A 86 0.24 -3.04 -6.89
N ALA A 87 1.15 -2.09 -6.74
CA ALA A 87 2.16 -1.81 -7.72
C ALA A 87 3.03 -3.05 -7.99
N VAL A 88 3.54 -3.67 -6.93
CA VAL A 88 4.40 -4.84 -7.08
C VAL A 88 3.64 -6.04 -7.64
N THR A 89 2.36 -6.13 -7.34
CA THR A 89 1.54 -7.23 -7.85
C THR A 89 1.40 -7.07 -9.37
N GLN A 90 1.16 -5.85 -9.80
CA GLN A 90 1.20 -5.51 -11.23
C GLN A 90 2.53 -5.87 -11.86
N ARG A 91 3.61 -5.76 -11.09
CA ARG A 91 4.94 -6.17 -11.56
C ARG A 91 5.08 -7.68 -11.60
N GLY A 92 4.05 -8.38 -11.11
CA GLY A 92 4.05 -9.83 -11.17
C GLY A 92 4.70 -10.47 -9.95
N VAL A 93 5.18 -9.66 -9.03
CA VAL A 93 5.75 -10.16 -7.81
C VAL A 93 4.77 -9.97 -6.64
N PRO A 94 4.18 -11.07 -6.16
CA PRO A 94 3.20 -11.03 -5.08
C PRO A 94 3.83 -10.74 -3.72
N ALA A 95 3.07 -10.08 -2.85
CA ALA A 95 3.56 -9.75 -1.52
C ALA A 95 3.17 -10.83 -0.53
N MET A 96 4.16 -11.60 -0.08
CA MET A 96 3.92 -12.67 0.86
C MET A 96 3.94 -12.16 2.29
N SER A 97 4.86 -11.24 2.56
CA SER A 97 5.03 -10.65 3.88
C SER A 97 5.79 -9.33 3.76
N PRO A 98 5.90 -8.56 4.86
CA PRO A 98 6.65 -7.29 4.88
C PRO A 98 8.03 -7.39 4.22
N ASP A 99 8.65 -8.56 4.33
CA ASP A 99 9.99 -8.80 3.78
C ASP A 99 10.03 -8.57 2.27
N ALA A 100 8.90 -8.75 1.60
CA ALA A 100 8.85 -8.55 0.16
C ALA A 100 8.86 -7.06 -0.18
N LEU A 101 8.34 -6.24 0.72
CA LEU A 101 8.38 -4.80 0.57
C LEU A 101 9.78 -4.31 0.87
N ASN A 102 10.43 -5.06 1.76
CA ASN A 102 11.74 -4.75 2.28
C ASN A 102 12.83 -4.87 1.22
N GLN A 103 12.60 -5.73 0.24
CA GLN A 103 13.59 -5.97 -0.80
C GLN A 103 13.49 -4.93 -1.92
N PHE A 104 12.48 -4.08 -1.84
CA PHE A 104 12.38 -2.96 -2.77
C PHE A 104 12.92 -1.71 -2.11
N PRO A 105 14.06 -1.21 -2.62
CA PRO A 105 14.66 0.05 -2.16
C PRO A 105 13.68 1.21 -2.17
N ALA A 106 12.85 1.18 -3.19
CA ALA A 106 11.82 2.18 -3.39
C ALA A 106 10.51 1.51 -3.78
N ALA A 107 9.40 2.06 -3.32
CA ALA A 107 8.10 1.49 -3.60
C ALA A 107 7.52 2.07 -4.89
N PRO A 108 7.05 1.21 -5.79
CA PRO A 108 6.41 1.64 -7.02
C PRO A 108 5.01 2.23 -6.78
N ILE A 109 4.60 3.12 -7.67
CA ILE A 109 3.25 3.65 -7.67
C ILE A 109 2.39 2.81 -8.61
N PRO A 110 1.20 2.39 -8.15
CA PRO A 110 0.28 1.57 -8.93
C PRO A 110 -0.08 2.22 -10.27
N THR A 111 -0.08 1.42 -11.32
CA THR A 111 -0.36 1.90 -12.65
C THR A 111 -1.84 1.73 -12.99
N LEU A 112 -2.48 2.83 -13.34
CA LEU A 112 -3.91 2.83 -13.64
C LEU A 112 -4.21 3.99 -14.59
N SER A 1 8.86 6.25 18.52
CA SER A 1 10.10 5.48 18.75
C SER A 1 10.24 4.36 17.73
N MET A 2 11.46 3.97 17.43
CA MET A 2 11.70 2.90 16.48
C MET A 2 12.84 2.01 16.98
N PHE A 3 12.61 0.71 16.98
CA PHE A 3 13.60 -0.23 17.51
C PHE A 3 14.49 -0.78 16.40
N PRO A 4 15.75 -1.06 16.74
CA PRO A 4 16.72 -1.65 15.85
C PRO A 4 16.76 -3.17 15.94
N SER A 5 17.29 -3.80 14.92
CA SER A 5 17.47 -5.25 14.92
C SER A 5 18.60 -5.63 13.97
N GLN A 6 19.51 -6.48 14.45
CA GLN A 6 20.67 -6.94 13.68
C GLN A 6 21.72 -5.84 13.57
N ASP A 7 21.33 -4.70 13.01
CA ASP A 7 22.21 -3.55 12.92
C ASP A 7 21.70 -2.42 13.79
N PRO A 8 22.58 -1.82 14.62
CA PRO A 8 22.19 -0.78 15.58
C PRO A 8 21.97 0.60 14.93
N ALA A 9 21.77 0.59 13.62
CA ALA A 9 21.47 1.82 12.88
C ALA A 9 20.61 1.49 11.67
N GLN A 10 19.98 0.32 11.68
CA GLN A 10 19.17 -0.11 10.57
C GLN A 10 17.74 -0.33 11.03
N PRO A 11 16.82 0.50 10.54
CA PRO A 11 15.41 0.42 10.91
C PRO A 11 14.69 -0.69 10.17
N ARG A 12 13.74 -1.32 10.84
CA ARG A 12 13.06 -2.49 10.30
C ARG A 12 11.68 -2.11 9.78
N MET A 13 11.37 -0.82 9.82
CA MET A 13 10.08 -0.36 9.33
C MET A 13 10.19 0.04 7.87
N PRO A 14 9.15 -0.27 7.08
CA PRO A 14 9.13 0.03 5.63
C PRO A 14 9.47 1.50 5.35
N PRO A 15 10.55 1.72 4.59
CA PRO A 15 11.21 3.04 4.43
C PRO A 15 10.31 4.16 3.91
N TRP A 16 9.20 3.85 3.28
CA TRP A 16 8.45 4.86 2.55
C TRP A 16 7.04 5.00 3.09
N ILE A 17 6.75 4.27 4.17
CA ILE A 17 5.41 4.23 4.73
C ILE A 17 5.20 5.38 5.72
N TYR A 18 6.20 5.58 6.56
CA TYR A 18 6.10 6.55 7.63
C TYR A 18 6.91 7.81 7.29
N ASN A 19 6.94 8.12 6.00
CA ASN A 19 7.62 9.31 5.52
C ASN A 19 6.59 10.40 5.30
N GLU A 20 6.52 11.35 6.22
CA GLU A 20 5.44 12.33 6.25
C GLU A 20 5.74 13.55 5.38
N SER A 21 6.89 13.58 4.70
CA SER A 21 7.31 14.74 3.92
C SER A 21 6.24 15.20 2.93
N LEU A 22 5.85 14.32 2.02
CA LEU A 22 4.85 14.64 1.02
C LEU A 22 4.00 13.43 0.69
N VAL A 23 2.76 13.68 0.26
CA VAL A 23 1.88 12.60 -0.16
C VAL A 23 2.25 12.15 -1.57
N PRO A 24 2.43 10.84 -1.75
CA PRO A 24 2.86 10.27 -3.04
C PRO A 24 1.81 10.40 -4.12
N ASP A 25 2.27 10.36 -5.36
CA ASP A 25 1.39 10.37 -6.53
C ASP A 25 0.41 9.22 -6.45
N ALA A 26 0.84 8.16 -5.79
CA ALA A 26 0.03 6.96 -5.61
C ALA A 26 -1.23 7.23 -4.78
N TYR A 27 -1.06 7.97 -3.69
CA TYR A 27 -2.17 8.22 -2.76
C TYR A 27 -3.14 9.25 -3.35
N LYS A 28 -2.61 10.40 -3.75
CA LYS A 28 -3.42 11.38 -4.49
C LYS A 28 -4.13 10.73 -5.68
N LYS A 29 -3.46 9.79 -6.35
CA LYS A 29 -4.09 9.01 -7.41
C LYS A 29 -5.29 8.27 -6.89
N ILE A 30 -5.08 7.55 -5.80
CA ILE A 30 -6.11 6.70 -5.27
C ILE A 30 -7.34 7.53 -4.84
N LEU A 31 -7.12 8.75 -4.38
CA LEU A 31 -8.23 9.66 -4.09
C LEU A 31 -9.11 9.86 -5.32
N GLU A 32 -8.48 10.19 -6.43
CA GLU A 32 -9.17 10.29 -7.69
C GLU A 32 -9.81 8.96 -8.06
N THR A 33 -9.04 7.90 -7.85
CA THR A 33 -9.44 6.54 -8.16
C THR A 33 -10.68 6.06 -7.36
N THR A 34 -10.46 5.74 -6.08
CA THR A 34 -11.48 5.09 -5.27
C THR A 34 -11.72 5.79 -3.93
N MET A 35 -10.72 6.48 -3.41
CA MET A 35 -10.80 7.03 -2.06
C MET A 35 -11.65 8.29 -2.04
N THR A 36 -11.98 8.73 -0.84
CA THR A 36 -12.80 9.93 -0.66
C THR A 36 -12.07 10.93 0.21
N PRO A 37 -12.53 12.19 0.23
CA PRO A 37 -11.97 13.24 1.09
C PRO A 37 -12.09 12.90 2.57
N THR A 38 -12.91 11.90 2.84
CA THR A 38 -13.17 11.45 4.19
C THR A 38 -12.27 10.28 4.58
N GLY A 39 -11.74 9.59 3.57
CA GLY A 39 -10.82 8.50 3.84
C GLY A 39 -11.00 7.29 2.93
N ILE A 40 -10.64 6.14 3.46
CA ILE A 40 -10.55 4.89 2.69
C ILE A 40 -11.93 4.42 2.21
N ASP A 41 -11.97 3.97 0.96
CA ASP A 41 -13.21 3.49 0.34
C ASP A 41 -12.90 2.35 -0.62
N THR A 42 -12.82 1.14 -0.10
CA THR A 42 -12.45 -0.03 -0.91
C THR A 42 -13.49 -0.38 -1.98
N ALA A 43 -14.71 0.10 -1.79
CA ALA A 43 -15.85 -0.26 -2.64
C ALA A 43 -15.56 -0.10 -4.13
N LYS A 44 -14.75 0.88 -4.48
CA LYS A 44 -14.41 1.12 -5.87
C LYS A 44 -13.10 0.41 -6.21
N LEU A 45 -12.28 0.22 -5.19
CA LEU A 45 -10.95 -0.34 -5.36
C LEU A 45 -11.01 -1.70 -6.01
N TYR A 46 -11.95 -2.55 -5.59
CA TYR A 46 -12.07 -3.89 -6.16
C TYR A 46 -12.28 -3.83 -7.68
N PRO A 47 -13.42 -3.26 -8.17
CA PRO A 47 -13.71 -3.21 -9.61
C PRO A 47 -12.60 -2.54 -10.42
N ILE A 48 -12.06 -1.44 -9.94
CA ILE A 48 -11.02 -0.75 -10.68
C ILE A 48 -9.72 -1.55 -10.68
N LEU A 49 -9.22 -1.89 -9.51
CA LEU A 49 -8.02 -2.72 -9.42
C LEU A 49 -8.13 -4.07 -10.13
N MET A 50 -9.25 -4.75 -10.03
CA MET A 50 -9.41 -6.01 -10.75
C MET A 50 -9.46 -5.75 -12.25
N SER A 51 -9.89 -4.54 -12.61
CA SER A 51 -9.90 -4.13 -14.02
C SER A 51 -8.48 -3.84 -14.46
N SER A 52 -7.63 -3.56 -13.48
CA SER A 52 -6.20 -3.35 -13.70
C SER A 52 -5.53 -4.68 -14.02
N GLY A 53 -6.29 -5.77 -13.93
CA GLY A 53 -5.76 -7.09 -14.21
C GLY A 53 -5.27 -7.78 -12.96
N LEU A 54 -5.58 -7.21 -11.81
CA LEU A 54 -5.18 -7.76 -10.55
C LEU A 54 -6.24 -8.70 -9.98
N PRO A 55 -5.84 -9.69 -9.17
CA PRO A 55 -6.75 -10.71 -8.67
C PRO A 55 -7.63 -10.16 -7.55
N ARG A 56 -8.94 -10.37 -7.66
CA ARG A 56 -9.85 -9.98 -6.60
C ARG A 56 -9.46 -10.68 -5.29
N GLU A 57 -8.74 -11.79 -5.44
CA GLU A 57 -8.19 -12.49 -4.29
C GLU A 57 -7.08 -11.68 -3.64
N THR A 58 -6.04 -11.36 -4.41
CA THR A 58 -4.92 -10.59 -3.88
C THR A 58 -5.33 -9.18 -3.49
N LEU A 59 -6.21 -8.55 -4.28
CA LEU A 59 -6.71 -7.21 -3.93
C LEU A 59 -7.32 -7.21 -2.53
N GLY A 60 -8.18 -8.19 -2.28
CA GLY A 60 -8.83 -8.29 -0.98
C GLY A 60 -7.85 -8.50 0.14
N GLN A 61 -6.88 -9.38 -0.09
CA GLN A 61 -5.88 -9.68 0.91
C GLN A 61 -5.06 -8.44 1.16
N ILE A 62 -4.75 -7.72 0.08
CA ILE A 62 -3.96 -6.52 0.15
C ILE A 62 -4.59 -5.48 1.09
N TRP A 63 -5.91 -5.28 1.08
CA TRP A 63 -6.51 -4.36 2.04
C TRP A 63 -6.41 -4.93 3.44
N ALA A 64 -6.46 -6.26 3.50
CA ALA A 64 -6.56 -6.97 4.75
C ALA A 64 -5.20 -7.06 5.43
N LEU A 65 -4.14 -6.77 4.67
CA LEU A 65 -2.79 -6.69 5.20
C LEU A 65 -2.55 -5.32 5.84
N ALA A 66 -3.26 -5.07 6.94
CA ALA A 66 -3.21 -3.76 7.58
C ALA A 66 -2.03 -3.62 8.54
N ASN A 67 -1.01 -4.45 8.33
CA ASN A 67 0.25 -4.40 9.10
C ASN A 67 0.06 -4.82 10.55
N ARG A 68 -0.77 -4.06 11.27
CA ARG A 68 -1.01 -4.29 12.69
C ARG A 68 -1.65 -5.64 12.94
N THR A 69 -1.16 -6.33 13.96
CA THR A 69 -1.88 -7.47 14.50
C THR A 69 -3.19 -6.97 15.09
N THR A 70 -4.21 -7.84 15.17
CA THR A 70 -5.57 -7.42 15.50
C THR A 70 -6.02 -6.25 14.61
N PRO A 71 -6.67 -6.60 13.47
CA PRO A 71 -6.99 -5.67 12.36
C PRO A 71 -7.31 -4.24 12.76
N GLY A 72 -6.67 -3.31 12.07
CA GLY A 72 -6.91 -1.90 12.27
C GLY A 72 -7.22 -1.21 10.95
N LYS A 73 -7.97 -0.13 11.00
CA LYS A 73 -8.36 0.60 9.79
C LYS A 73 -7.13 1.17 9.10
N LEU A 74 -7.12 1.05 7.77
CA LEU A 74 -6.02 1.54 6.96
C LEU A 74 -5.88 3.05 7.10
N THR A 75 -4.86 3.48 7.81
CA THR A 75 -4.56 4.89 7.93
C THR A 75 -3.78 5.35 6.70
N LYS A 76 -3.49 6.64 6.58
CA LYS A 76 -2.82 7.17 5.40
C LYS A 76 -1.51 6.41 5.10
N GLU A 77 -0.67 6.28 6.12
CA GLU A 77 0.58 5.53 5.99
C GLU A 77 0.30 4.10 5.52
N GLU A 78 -0.69 3.49 6.12
CA GLU A 78 -1.09 2.14 5.78
C GLU A 78 -1.60 2.09 4.34
N LEU A 79 -2.15 3.21 3.87
CA LEU A 79 -2.62 3.34 2.50
C LEU A 79 -1.40 3.38 1.55
N TYR A 80 -0.24 3.74 2.09
CA TYR A 80 0.98 3.62 1.31
C TYR A 80 1.34 2.14 1.16
N THR A 81 1.11 1.37 2.22
CA THR A 81 1.35 -0.07 2.22
C THR A 81 0.51 -0.77 1.14
N VAL A 82 -0.73 -0.34 1.01
CA VAL A 82 -1.65 -0.95 0.04
C VAL A 82 -1.28 -0.55 -1.37
N LEU A 83 -1.00 0.74 -1.56
CA LEU A 83 -0.55 1.28 -2.84
C LEU A 83 0.67 0.54 -3.36
N ALA A 84 1.61 0.29 -2.48
CA ALA A 84 2.87 -0.35 -2.87
C ALA A 84 2.63 -1.81 -3.23
N MET A 85 1.70 -2.46 -2.54
CA MET A 85 1.38 -3.85 -2.82
C MET A 85 0.66 -4.00 -4.14
N ILE A 86 -0.17 -3.01 -4.48
CA ILE A 86 -0.83 -3.02 -5.79
C ILE A 86 0.22 -2.88 -6.87
N ALA A 87 1.14 -1.94 -6.66
CA ALA A 87 2.22 -1.67 -7.58
C ALA A 87 3.06 -2.93 -7.83
N VAL A 88 3.48 -3.59 -6.76
CA VAL A 88 4.29 -4.80 -6.89
C VAL A 88 3.47 -5.97 -7.47
N THR A 89 2.18 -6.00 -7.19
CA THR A 89 1.35 -7.07 -7.72
C THR A 89 1.15 -6.89 -9.22
N GLN A 90 0.99 -5.64 -9.64
CA GLN A 90 1.01 -5.32 -11.08
C GLN A 90 2.32 -5.77 -11.71
N ARG A 91 3.38 -5.80 -10.92
CA ARG A 91 4.67 -6.34 -11.37
C ARG A 91 4.64 -7.86 -11.43
N GLY A 92 3.57 -8.44 -10.92
CA GLY A 92 3.44 -9.89 -10.91
C GLY A 92 4.02 -10.53 -9.66
N VAL A 93 4.56 -9.73 -8.75
CA VAL A 93 5.07 -10.22 -7.50
C VAL A 93 4.18 -9.78 -6.33
N PRO A 94 3.37 -10.71 -5.80
CA PRO A 94 2.47 -10.43 -4.69
C PRO A 94 3.22 -10.29 -3.37
N ALA A 95 2.77 -9.37 -2.53
CA ALA A 95 3.40 -9.14 -1.24
C ALA A 95 2.71 -9.96 -0.15
N MET A 96 3.40 -10.99 0.31
CA MET A 96 2.89 -11.83 1.37
C MET A 96 3.74 -11.71 2.62
N SER A 97 4.81 -10.93 2.52
CA SER A 97 5.74 -10.75 3.61
C SER A 97 6.47 -9.41 3.47
N PRO A 98 6.62 -8.67 4.57
CA PRO A 98 7.26 -7.34 4.57
C PRO A 98 8.71 -7.38 4.10
N ASP A 99 9.33 -8.56 4.22
CA ASP A 99 10.70 -8.79 3.76
C ASP A 99 10.80 -8.60 2.23
N ALA A 100 9.69 -8.80 1.53
CA ALA A 100 9.66 -8.60 0.09
C ALA A 100 9.63 -7.12 -0.27
N LEU A 101 9.09 -6.30 0.62
CA LEU A 101 9.09 -4.86 0.46
C LEU A 101 10.50 -4.34 0.72
N ASN A 102 11.18 -5.08 1.58
CA ASN A 102 12.57 -4.81 1.95
C ASN A 102 13.48 -4.88 0.72
N GLN A 103 13.05 -5.66 -0.27
CA GLN A 103 13.86 -5.89 -1.47
C GLN A 103 13.69 -4.75 -2.46
N PHE A 104 12.72 -3.89 -2.21
CA PHE A 104 12.51 -2.72 -3.05
C PHE A 104 13.04 -1.48 -2.34
N PRO A 105 14.13 -0.91 -2.88
CA PRO A 105 14.69 0.36 -2.38
C PRO A 105 13.66 1.48 -2.29
N ALA A 106 12.79 1.47 -3.27
CA ALA A 106 11.72 2.45 -3.38
C ALA A 106 10.41 1.76 -3.74
N ALA A 107 9.31 2.34 -3.32
CA ALA A 107 8.00 1.77 -3.58
C ALA A 107 7.40 2.34 -4.87
N PRO A 108 7.06 1.45 -5.81
CA PRO A 108 6.42 1.83 -7.08
C PRO A 108 5.06 2.51 -6.88
N ILE A 109 4.71 3.40 -7.80
CA ILE A 109 3.38 3.97 -7.84
C ILE A 109 2.52 3.11 -8.77
N PRO A 110 1.34 2.69 -8.30
CA PRO A 110 0.43 1.86 -9.08
C PRO A 110 0.07 2.49 -10.42
N THR A 111 0.12 1.69 -11.47
CA THR A 111 -0.17 2.16 -12.80
C THR A 111 -1.65 1.97 -13.15
N LEU A 112 -2.28 3.06 -13.53
CA LEU A 112 -3.68 3.08 -13.93
C LEU A 112 -3.87 4.08 -15.05
N SER A 1 4.10 25.04 -10.96
CA SER A 1 3.32 23.95 -10.34
C SER A 1 4.22 22.75 -10.04
N MET A 2 4.81 22.19 -11.08
CA MET A 2 5.65 21.02 -10.92
C MET A 2 7.12 21.38 -11.08
N PHE A 3 7.82 21.38 -9.97
CA PHE A 3 9.25 21.66 -9.97
C PHE A 3 10.02 20.41 -10.35
N PRO A 4 11.25 20.57 -10.85
CA PRO A 4 12.08 19.45 -11.28
C PRO A 4 12.50 18.58 -10.09
N SER A 5 12.36 17.28 -10.27
CA SER A 5 12.70 16.32 -9.22
C SER A 5 14.19 16.43 -8.89
N GLN A 6 14.47 16.71 -7.62
CA GLN A 6 15.84 16.97 -7.19
C GLN A 6 16.56 15.68 -6.82
N ASP A 7 15.89 14.56 -7.04
CA ASP A 7 16.52 13.26 -6.87
C ASP A 7 16.99 12.77 -8.23
N PRO A 8 18.25 12.28 -8.33
CA PRO A 8 18.84 11.87 -9.60
C PRO A 8 18.31 10.51 -10.10
N ALA A 9 17.15 10.12 -9.60
CA ALA A 9 16.52 8.88 -10.01
C ALA A 9 15.04 8.93 -9.69
N GLN A 10 14.71 9.45 -8.53
CA GLN A 10 13.34 9.50 -8.07
C GLN A 10 12.61 10.74 -8.57
N PRO A 11 11.61 10.51 -9.45
CA PRO A 11 10.81 11.55 -10.07
C PRO A 11 9.66 12.03 -9.18
N ARG A 12 9.02 13.13 -9.59
CA ARG A 12 7.89 13.75 -8.88
C ARG A 12 7.95 13.57 -7.35
N MET A 13 6.89 13.08 -6.73
CA MET A 13 6.84 12.97 -5.28
C MET A 13 7.22 11.56 -4.81
N PRO A 14 8.01 11.48 -3.72
CA PRO A 14 8.52 10.21 -3.18
C PRO A 14 7.43 9.23 -2.75
N PRO A 15 7.41 8.05 -3.37
CA PRO A 15 6.52 6.92 -3.05
C PRO A 15 6.81 6.29 -1.68
N TRP A 16 7.92 6.71 -1.12
CA TRP A 16 8.57 6.07 0.03
C TRP A 16 7.97 6.43 1.39
N ILE A 17 6.64 6.47 1.45
CA ILE A 17 5.83 7.05 2.55
C ILE A 17 6.28 6.73 3.97
N TYR A 18 7.14 5.75 4.16
CA TYR A 18 7.65 5.48 5.48
C TYR A 18 8.83 6.41 5.78
N ASN A 19 8.73 7.58 5.16
CA ASN A 19 9.64 8.69 5.33
C ASN A 19 8.78 9.91 5.64
N GLU A 20 9.33 10.87 6.36
CA GLU A 20 8.54 12.00 6.85
C GLU A 20 8.30 13.04 5.77
N SER A 21 8.81 12.77 4.56
CA SER A 21 8.74 13.72 3.46
C SER A 21 7.31 14.13 3.13
N LEU A 22 6.48 13.17 2.70
CA LEU A 22 5.11 13.46 2.25
C LEU A 22 4.38 12.20 1.78
N VAL A 23 3.12 12.37 1.40
CA VAL A 23 2.32 11.30 0.82
C VAL A 23 2.43 11.31 -0.70
N PRO A 24 2.69 10.15 -1.32
CA PRO A 24 3.00 10.06 -2.76
C PRO A 24 1.79 10.26 -3.65
N ASP A 25 2.09 10.65 -4.89
CA ASP A 25 1.09 10.93 -5.92
C ASP A 25 0.09 9.80 -6.10
N ALA A 26 0.55 8.56 -5.97
CA ALA A 26 -0.33 7.41 -6.14
C ALA A 26 -1.37 7.30 -5.03
N TYR A 27 -1.04 7.78 -3.83
CA TYR A 27 -2.00 7.77 -2.72
C TYR A 27 -3.06 8.83 -2.95
N LYS A 28 -2.65 10.09 -3.14
CA LYS A 28 -3.58 11.15 -3.53
C LYS A 28 -4.38 10.78 -4.79
N LYS A 29 -3.78 9.96 -5.67
CA LYS A 29 -4.50 9.42 -6.81
C LYS A 29 -5.72 8.65 -6.37
N ILE A 30 -5.49 7.71 -5.47
CA ILE A 30 -6.53 6.81 -5.05
C ILE A 30 -7.65 7.54 -4.31
N LEU A 31 -7.31 8.62 -3.61
CA LEU A 31 -8.33 9.48 -3.02
C LEU A 31 -9.31 9.98 -4.08
N GLU A 32 -8.76 10.50 -5.15
CA GLU A 32 -9.53 10.91 -6.30
C GLU A 32 -10.28 9.72 -6.92
N THR A 33 -9.54 8.63 -7.09
CA THR A 33 -10.03 7.43 -7.74
C THR A 33 -11.13 6.69 -6.94
N THR A 34 -10.75 5.99 -5.87
CA THR A 34 -11.69 5.09 -5.19
C THR A 34 -12.06 5.57 -3.78
N MET A 35 -11.26 6.43 -3.18
CA MET A 35 -11.49 6.86 -1.82
C MET A 35 -12.73 7.74 -1.73
N THR A 36 -13.22 7.90 -0.52
CA THR A 36 -14.37 8.75 -0.25
C THR A 36 -13.97 9.92 0.62
N PRO A 37 -14.86 10.91 0.77
CA PRO A 37 -14.65 12.05 1.67
C PRO A 37 -14.61 11.61 3.12
N THR A 38 -14.91 10.34 3.33
CA THR A 38 -14.92 9.75 4.64
C THR A 38 -13.62 8.98 4.90
N GLY A 39 -12.87 8.73 3.83
CA GLY A 39 -11.62 8.04 3.97
C GLY A 39 -11.50 6.87 3.02
N ILE A 40 -10.90 5.80 3.48
CA ILE A 40 -10.59 4.66 2.64
C ILE A 40 -11.85 3.89 2.25
N ASP A 41 -11.96 3.59 0.95
CA ASP A 41 -13.12 2.88 0.40
C ASP A 41 -12.70 1.96 -0.73
N THR A 42 -12.57 0.68 -0.43
CA THR A 42 -12.17 -0.32 -1.42
C THR A 42 -13.21 -0.53 -2.52
N ALA A 43 -14.44 -0.09 -2.28
CA ALA A 43 -15.58 -0.43 -3.15
C ALA A 43 -15.33 -0.13 -4.62
N LYS A 44 -14.55 0.89 -4.91
CA LYS A 44 -14.28 1.27 -6.29
C LYS A 44 -12.96 0.67 -6.74
N LEU A 45 -12.11 0.41 -5.76
CA LEU A 45 -10.80 -0.15 -5.99
C LEU A 45 -10.92 -1.53 -6.61
N TYR A 46 -11.83 -2.36 -6.09
CA TYR A 46 -12.00 -3.73 -6.58
C TYR A 46 -12.20 -3.77 -8.10
N PRO A 47 -13.27 -3.13 -8.65
CA PRO A 47 -13.56 -3.22 -10.08
C PRO A 47 -12.44 -2.63 -10.92
N ILE A 48 -11.93 -1.47 -10.54
CA ILE A 48 -10.89 -0.84 -11.34
C ILE A 48 -9.60 -1.67 -11.30
N LEU A 49 -9.08 -1.93 -10.11
CA LEU A 49 -7.90 -2.79 -9.97
C LEU A 49 -8.03 -4.17 -10.59
N MET A 50 -9.14 -4.86 -10.38
CA MET A 50 -9.27 -6.21 -10.92
C MET A 50 -9.31 -6.15 -12.45
N SER A 51 -9.74 -5.01 -12.99
CA SER A 51 -9.73 -4.78 -14.42
C SER A 51 -8.31 -4.54 -14.92
N SER A 52 -7.43 -4.13 -13.99
CA SER A 52 -6.01 -4.02 -14.28
C SER A 52 -5.38 -5.43 -14.29
N GLY A 53 -6.21 -6.45 -14.12
CA GLY A 53 -5.76 -7.82 -14.20
C GLY A 53 -5.38 -8.40 -12.85
N LEU A 54 -5.82 -7.76 -11.79
CA LEU A 54 -5.49 -8.20 -10.44
C LEU A 54 -6.63 -9.02 -9.84
N PRO A 55 -6.30 -9.97 -8.95
CA PRO A 55 -7.27 -10.87 -8.35
C PRO A 55 -8.07 -10.17 -7.28
N ARG A 56 -9.39 -10.25 -7.35
CA ARG A 56 -10.24 -9.68 -6.33
C ARG A 56 -9.92 -10.30 -4.97
N GLU A 57 -9.27 -11.46 -4.99
CA GLU A 57 -8.80 -12.09 -3.78
C GLU A 57 -7.60 -11.35 -3.20
N THR A 58 -6.54 -11.23 -3.99
CA THR A 58 -5.33 -10.54 -3.53
C THR A 58 -5.62 -9.06 -3.26
N LEU A 59 -6.46 -8.45 -4.09
CA LEU A 59 -6.86 -7.05 -3.90
C LEU A 59 -7.46 -6.85 -2.50
N GLY A 60 -8.39 -7.74 -2.15
CA GLY A 60 -9.01 -7.71 -0.84
C GLY A 60 -8.00 -7.89 0.29
N GLN A 61 -7.09 -8.85 0.12
CA GLN A 61 -6.12 -9.15 1.15
C GLN A 61 -5.15 -7.98 1.32
N ILE A 62 -4.68 -7.46 0.19
CA ILE A 62 -3.74 -6.35 0.19
C ILE A 62 -4.31 -5.14 0.93
N TRP A 63 -5.62 -4.89 0.80
CA TRP A 63 -6.25 -3.78 1.50
C TRP A 63 -6.26 -4.08 3.00
N ALA A 64 -6.38 -5.38 3.28
CA ALA A 64 -6.62 -5.87 4.63
C ALA A 64 -5.31 -6.03 5.41
N LEU A 65 -4.19 -5.93 4.70
CA LEU A 65 -2.88 -6.06 5.32
C LEU A 65 -2.45 -4.75 5.97
N ALA A 66 -2.94 -4.52 7.17
CA ALA A 66 -2.60 -3.34 7.93
C ALA A 66 -1.30 -3.54 8.69
N ASN A 67 -0.67 -2.45 9.09
CA ASN A 67 0.57 -2.50 9.83
C ASN A 67 0.25 -2.57 11.32
N ARG A 68 1.27 -2.75 12.16
CA ARG A 68 1.05 -2.84 13.60
C ARG A 68 0.96 -1.44 14.21
N THR A 69 -0.01 -0.68 13.73
CA THR A 69 -0.22 0.68 14.20
C THR A 69 -1.51 0.74 15.03
N THR A 70 -2.04 1.93 15.26
CA THR A 70 -3.31 2.08 15.94
C THR A 70 -4.43 1.53 15.05
N PRO A 71 -5.41 0.82 15.66
CA PRO A 71 -6.52 0.18 14.93
C PRO A 71 -7.44 1.17 14.21
N GLY A 72 -6.94 1.75 13.14
CA GLY A 72 -7.75 2.58 12.27
C GLY A 72 -7.79 1.98 10.88
N LYS A 73 -8.86 2.23 10.13
CA LYS A 73 -9.00 1.64 8.81
C LYS A 73 -8.00 2.25 7.82
N LEU A 74 -6.87 1.56 7.66
CA LEU A 74 -5.83 1.93 6.71
C LEU A 74 -5.41 3.40 6.83
N THR A 75 -4.49 3.68 7.72
CA THR A 75 -3.92 5.01 7.83
C THR A 75 -3.22 5.38 6.53
N LYS A 76 -3.06 6.66 6.24
CA LYS A 76 -2.52 7.11 4.95
C LYS A 76 -1.21 6.39 4.59
N GLU A 77 -0.26 6.33 5.53
CA GLU A 77 0.99 5.61 5.29
C GLU A 77 0.72 4.14 4.99
N GLU A 78 -0.14 3.52 5.80
CA GLU A 78 -0.48 2.12 5.64
C GLU A 78 -1.18 1.87 4.32
N LEU A 79 -1.95 2.86 3.88
CA LEU A 79 -2.72 2.75 2.64
C LEU A 79 -1.78 2.69 1.45
N TYR A 80 -0.65 3.37 1.53
CA TYR A 80 0.31 3.33 0.45
C TYR A 80 1.13 2.05 0.51
N THR A 81 1.24 1.45 1.70
CA THR A 81 1.80 0.11 1.82
C THR A 81 0.92 -0.86 1.03
N VAL A 82 -0.37 -0.55 1.02
CA VAL A 82 -1.35 -1.30 0.27
C VAL A 82 -1.12 -1.05 -1.22
N LEU A 83 -1.00 0.21 -1.57
CA LEU A 83 -0.72 0.63 -2.94
C LEU A 83 0.57 0.01 -3.47
N ALA A 84 1.57 -0.06 -2.61
CA ALA A 84 2.86 -0.61 -3.00
C ALA A 84 2.74 -2.11 -3.21
N MET A 85 1.90 -2.75 -2.40
CA MET A 85 1.64 -4.17 -2.56
C MET A 85 0.83 -4.42 -3.84
N ILE A 86 -0.01 -3.46 -4.18
CA ILE A 86 -0.77 -3.53 -5.43
C ILE A 86 0.18 -3.41 -6.61
N ALA A 87 1.04 -2.41 -6.53
CA ALA A 87 2.01 -2.13 -7.57
C ALA A 87 2.91 -3.34 -7.83
N VAL A 88 3.46 -3.92 -6.77
CA VAL A 88 4.33 -5.09 -6.93
C VAL A 88 3.56 -6.31 -7.42
N THR A 89 2.27 -6.36 -7.09
CA THR A 89 1.40 -7.43 -7.57
C THR A 89 1.23 -7.29 -9.08
N GLN A 90 1.03 -6.05 -9.52
CA GLN A 90 1.03 -5.72 -10.94
C GLN A 90 2.33 -6.14 -11.61
N ARG A 91 3.42 -6.04 -10.87
CA ARG A 91 4.74 -6.44 -11.37
C ARG A 91 4.90 -7.97 -11.39
N GLY A 92 3.90 -8.68 -10.88
CA GLY A 92 3.96 -10.14 -10.86
C GLY A 92 4.62 -10.67 -9.61
N VAL A 93 4.83 -9.78 -8.65
CA VAL A 93 5.46 -10.15 -7.38
C VAL A 93 4.38 -10.31 -6.30
N PRO A 94 4.38 -11.45 -5.59
CA PRO A 94 3.43 -11.68 -4.50
C PRO A 94 3.73 -10.79 -3.30
N ALA A 95 2.68 -10.29 -2.65
CA ALA A 95 2.87 -9.43 -1.50
C ALA A 95 2.27 -10.06 -0.25
N MET A 96 3.15 -10.54 0.62
CA MET A 96 2.74 -11.12 1.88
C MET A 96 3.31 -10.34 3.07
N SER A 97 4.29 -9.50 2.79
CA SER A 97 5.01 -8.80 3.84
C SER A 97 5.60 -7.48 3.32
N PRO A 98 5.72 -6.47 4.20
CA PRO A 98 6.20 -5.14 3.82
C PRO A 98 7.72 -5.07 3.67
N ASP A 99 8.41 -6.18 3.92
CA ASP A 99 9.86 -6.25 3.72
C ASP A 99 10.20 -6.03 2.25
N ALA A 100 9.24 -6.30 1.38
CA ALA A 100 9.46 -6.16 -0.05
C ALA A 100 9.75 -4.72 -0.43
N LEU A 101 9.40 -3.78 0.45
CA LEU A 101 9.59 -2.36 0.16
C LEU A 101 11.07 -1.99 0.25
N ASN A 102 11.81 -2.67 1.13
CA ASN A 102 13.23 -2.48 1.27
C ASN A 102 13.99 -3.02 0.05
N GLN A 103 13.37 -3.98 -0.64
CA GLN A 103 14.02 -4.67 -1.75
C GLN A 103 13.95 -3.85 -3.02
N PHE A 104 13.08 -2.86 -3.02
CA PHE A 104 12.94 -1.97 -4.15
C PHE A 104 13.53 -0.60 -3.84
N PRO A 105 14.50 -0.17 -4.67
CA PRO A 105 15.12 1.16 -4.56
C PRO A 105 14.12 2.29 -4.53
N ALA A 106 13.08 2.12 -5.31
CA ALA A 106 11.97 3.06 -5.37
C ALA A 106 10.66 2.30 -5.37
N ALA A 107 9.64 2.90 -4.79
CA ALA A 107 8.32 2.28 -4.75
C ALA A 107 7.58 2.56 -6.05
N PRO A 108 7.12 1.50 -6.72
CA PRO A 108 6.38 1.65 -7.96
C PRO A 108 4.97 2.21 -7.75
N ILE A 109 4.60 3.16 -8.58
CA ILE A 109 3.24 3.68 -8.57
C ILE A 109 2.34 2.71 -9.33
N PRO A 110 1.27 2.22 -8.66
CA PRO A 110 0.31 1.32 -9.30
C PRO A 110 -0.26 1.95 -10.56
N THR A 111 -0.27 1.20 -11.64
CA THR A 111 -0.75 1.72 -12.90
C THR A 111 -2.25 1.58 -13.00
N LEU A 112 -2.91 2.71 -13.19
CA LEU A 112 -4.36 2.78 -13.24
C LEU A 112 -4.78 3.96 -14.11
#